data_1MCO
#
_entry.id   1MCO
#
_cell.length_a   88.400
_cell.length_b   110.000
_cell.length_c   186.700
_cell.angle_alpha   90.00
_cell.angle_beta   90.00
_cell.angle_gamma   90.00
#
_symmetry.space_group_name_H-M   'C 2 2 21'
#
loop_
_entity.id
_entity.type
_entity.pdbx_description
1 polymer 'IGG1 MCG INTACT ANTIBODY (LIGHT CHAIN)'
2 polymer 'IGG1 MCG INTACT ANTIBODY (HEAVY CHAIN)'
3 branched 'N-acetyl-alpha-neuraminic acid-(2-3)-beta-D-galactopyranose-(1-4)-2-acetamido-2-deoxy-beta-D-glucopyranose-(1-2)-alpha-D-mannopyranose-(1-6)-[2-acetamido-2-deoxy-beta-D-glucopyranose-(1-2)-alpha-L-gulopyranose-(1-3)]beta-D-mannopyranose-(1-4)-2-acetamido-2-deoxy-beta-D-glucopyranose-(1-4)-[beta-L-fucopyranose-(1-6)]2-acetamido-2-deoxy-beta-D-glucopyranose'
#
loop_
_entity_poly.entity_id
_entity_poly.type
_entity_poly.pdbx_seq_one_letter_code
_entity_poly.pdbx_strand_id
1 'polypeptide(L)'
;PSALTQPPSASGSLGQSVTISCTGTSSDVGGYNYVSWYQQHAGKAPKVIIYEVNKRPSGVPDRFSGSKSGNTASLTVSGL
QAEDEADYYCSSYEGSDNFVFGTGTKVTVLGQPKANPTVTLFPPSSEELQANKATEVCLISDFYPGAVTVAWKADGSPVK
AGVETTKPSKQSNNKYAASSYLSLTPEQWKSHRSYSCQVTHEGSTVEKTVAPTECS
;
L
2 'polypeptide(L)'
;PLVLQESGPGLVKPSEALSLTCTVSGDSINTILYYWSWIRQPPGKGLEWIGYIYYSGSTYGNPSLKSRVTISVNTSKNQF
YSKLSSVTAADTAVYYCARVPLVVNPWGQGTLVTVSSASTKGPSVFPLAPSSKSTSGGTAALGCLVKDYFPQPVTVSWNS
GALTSGVHTFPAVLQSSGLYSLSSVVTVPSSSLGTQTYICNVNHKPSNTKVDKRVAPELLGGPSVFLFPPKPKDTLMISR
TPEVTCVVVDVSHEDPQVKFNWYVDGVQVHNAKTKPREQQYNSTYRVVSVLTVLHQNWLDGKEYKCKVSNKALPAPIEKT
ISKAKGQPREPQVYTLPPSREEMTKNQVSLTCLVKGFYPSDIAVEWESNGQPENNYKTTPPVLDSDGSFFLYSKLTVDKS
RWQQGNVFSCSVMHEALHNHYTQKSLSL
;
H
#
# COMPACT_ATOMS: atom_id res chain seq x y z
N PRO A 1 26.23 8.89 -35.88
CA PRO A 1 26.89 7.80 -36.61
C PRO A 1 27.76 6.99 -35.68
N SER A 2 28.63 7.84 -35.14
CA SER A 2 29.65 7.59 -34.14
C SER A 2 28.83 7.42 -32.89
N ALA A 3 29.28 6.40 -32.20
CA ALA A 3 28.84 6.14 -30.86
C ALA A 3 30.07 6.45 -30.03
N LEU A 4 29.81 7.14 -28.94
CA LEU A 4 30.79 7.48 -27.93
C LEU A 4 30.95 6.22 -27.08
N THR A 5 32.18 5.69 -27.11
CA THR A 5 32.57 4.42 -26.50
C THR A 5 32.90 4.59 -25.03
N GLN A 6 31.95 4.00 -24.32
CA GLN A 6 31.81 3.95 -22.88
C GLN A 6 32.26 2.59 -22.35
N PRO A 7 32.91 2.41 -21.17
CA PRO A 7 33.00 1.14 -20.43
C PRO A 7 31.59 0.56 -20.26
N PRO A 8 31.34 -0.75 -20.38
CA PRO A 8 29.99 -1.31 -20.51
C PRO A 8 29.28 -1.40 -19.15
N SER A 9 30.09 -1.69 -18.11
CA SER A 9 29.69 -1.64 -16.72
C SER A 9 30.87 -1.20 -15.87
N ALA A 10 30.57 -0.72 -14.65
CA ALA A 10 31.53 -0.31 -13.63
C ALA A 10 30.86 -0.48 -12.27
N SER A 11 31.65 -1.00 -11.34
CA SER A 11 31.20 -1.31 -10.00
C SER A 11 32.09 -0.75 -8.91
N GLY A 12 31.32 -0.37 -7.91
CA GLY A 12 31.86 0.13 -6.65
C GLY A 12 31.06 -0.31 -5.44
N SER A 13 31.78 -0.45 -4.32
CA SER A 13 31.18 -0.68 -3.01
C SER A 13 30.66 0.68 -2.50
N LEU A 14 29.77 0.69 -1.50
CA LEU A 14 29.37 1.90 -0.79
C LEU A 14 30.64 2.40 -0.08
N GLY A 15 31.07 3.63 -0.35
CA GLY A 15 32.23 4.26 0.27
C GLY A 15 33.49 4.12 -0.59
N GLN A 16 33.28 4.05 -1.90
CA GLN A 16 34.28 3.87 -2.93
C GLN A 16 33.98 4.87 -4.05
N SER A 17 34.99 5.11 -4.87
CA SER A 17 34.99 6.02 -5.99
C SER A 17 34.79 5.27 -7.29
N VAL A 18 33.71 5.62 -7.98
CA VAL A 18 33.32 5.02 -9.26
C VAL A 18 33.64 5.99 -10.37
N THR A 19 34.34 5.50 -11.39
CA THR A 19 34.72 6.23 -12.60
C THR A 19 34.05 5.52 -13.82
N ILE A 20 33.74 6.30 -14.88
CA ILE A 20 33.01 6.02 -16.14
C ILE A 20 33.84 6.73 -17.21
N SER A 21 33.74 6.40 -18.49
CA SER A 21 34.42 7.10 -19.56
C SER A 21 33.54 7.32 -20.80
N CYS A 22 34.14 7.93 -21.84
CA CYS A 22 33.54 8.36 -23.12
C CYS A 22 34.58 8.76 -24.20
N THR A 23 34.83 7.90 -25.20
CA THR A 23 35.78 8.13 -26.32
C THR A 23 35.01 8.62 -27.54
N GLY A 24 35.45 9.82 -27.95
CA GLY A 24 34.80 10.67 -28.95
C GLY A 24 34.91 10.36 -30.45
N THR A 25 34.74 11.49 -31.17
CA THR A 25 34.96 11.72 -32.62
C THR A 25 35.10 13.23 -32.74
N SER A 26 36.30 13.63 -33.16
CA SER A 26 36.86 14.97 -33.29
C SER A 26 35.98 16.17 -32.98
N SER A 27 34.98 16.28 -33.85
CA SER A 27 33.93 17.29 -33.88
C SER A 27 33.13 17.29 -32.58
N ASP A 28 33.34 16.34 -31.65
CA ASP A 28 32.58 16.33 -30.42
C ASP A 28 33.49 16.38 -29.18
N VAL A 29 33.88 15.32 -28.43
CA VAL A 29 34.66 15.33 -27.18
C VAL A 29 35.99 16.09 -27.32
N GLY A 30 36.75 15.84 -28.38
CA GLY A 30 38.07 16.42 -28.62
C GLY A 30 38.13 17.87 -29.07
N GLY A 31 37.08 18.27 -29.78
CA GLY A 31 36.91 19.58 -30.40
C GLY A 31 36.89 20.68 -29.35
N TYR A 32 35.78 20.63 -28.62
CA TYR A 32 35.42 21.55 -27.57
C TYR A 32 35.65 20.85 -26.22
N ASN A 33 35.47 21.66 -25.17
CA ASN A 33 35.54 21.14 -23.81
C ASN A 33 34.10 20.79 -23.39
N TYR A 34 33.12 21.00 -24.30
CA TYR A 34 31.70 20.74 -24.12
C TYR A 34 31.32 19.24 -24.20
N VAL A 35 31.61 18.57 -23.08
CA VAL A 35 31.31 17.16 -22.83
C VAL A 35 30.28 17.14 -21.69
N SER A 36 29.19 16.40 -21.90
CA SER A 36 27.99 16.40 -21.04
C SER A 36 27.51 15.04 -20.55
N TRP A 37 27.69 14.89 -19.24
CA TRP A 37 27.31 13.72 -18.46
C TRP A 37 25.89 13.86 -17.95
N TYR A 38 25.13 12.78 -18.06
CA TYR A 38 23.73 12.77 -17.66
C TYR A 38 23.40 11.61 -16.72
N GLN A 39 22.21 11.69 -16.12
CA GLN A 39 21.71 10.69 -15.17
C GLN A 39 20.20 10.51 -15.36
N GLN A 40 19.88 9.34 -15.90
CA GLN A 40 18.53 8.91 -16.24
C GLN A 40 18.03 7.83 -15.30
N HIS A 41 16.80 8.01 -14.85
CA HIS A 41 16.10 7.11 -13.94
C HIS A 41 14.92 6.49 -14.70
N ALA A 42 14.96 5.16 -14.77
CA ALA A 42 14.04 4.30 -15.49
C ALA A 42 12.58 4.44 -15.10
N GLY A 43 12.01 5.38 -15.83
CA GLY A 43 10.62 5.78 -15.76
C GLY A 43 10.35 7.05 -16.56
N LYS A 44 11.35 7.93 -16.67
CA LYS A 44 11.29 9.24 -17.31
C LYS A 44 12.57 9.44 -18.16
N ALA A 45 12.66 10.64 -18.72
CA ALA A 45 13.70 11.20 -19.57
C ALA A 45 14.95 11.65 -18.78
N PRO A 46 16.19 11.90 -19.27
CA PRO A 46 17.40 12.25 -18.49
C PRO A 46 17.41 13.64 -17.86
N LYS A 47 18.05 13.73 -16.69
CA LYS A 47 18.28 14.95 -15.92
C LYS A 47 19.67 15.46 -16.33
N VAL A 48 20.09 16.63 -15.81
CA VAL A 48 21.35 17.28 -16.07
C VAL A 48 22.13 17.17 -14.76
N ILE A 49 23.39 16.74 -14.86
CA ILE A 49 24.29 16.63 -13.72
C ILE A 49 25.61 17.32 -14.09
N ILE A 50 26.30 17.11 -15.24
CA ILE A 50 27.55 17.79 -15.65
C ILE A 50 27.44 18.06 -17.17
N TYR A 51 27.98 19.21 -17.57
CA TYR A 51 28.21 19.67 -18.94
C TYR A 51 29.58 20.40 -18.90
N GLU A 52 29.97 21.06 -19.99
CA GLU A 52 31.21 21.82 -20.24
C GLU A 52 32.61 21.48 -19.68
N VAL A 53 32.82 20.23 -19.25
CA VAL A 53 33.95 19.66 -18.50
C VAL A 53 33.91 20.38 -17.14
N ASN A 54 33.39 19.67 -16.11
CA ASN A 54 33.11 20.11 -14.76
C ASN A 54 32.50 21.50 -14.67
N LYS A 55 31.25 21.48 -15.13
CA LYS A 55 30.34 22.61 -15.05
C LYS A 55 28.95 22.02 -14.94
N ARG A 56 28.52 22.23 -13.72
CA ARG A 56 27.28 21.71 -13.16
C ARG A 56 26.33 22.83 -12.79
N PRO A 57 25.00 22.68 -12.80
CA PRO A 57 24.08 23.68 -12.33
C PRO A 57 23.71 23.56 -10.85
N SER A 58 22.41 23.57 -10.49
CA SER A 58 21.86 23.61 -9.15
C SER A 58 20.97 22.42 -8.86
N GLY A 59 21.05 21.98 -7.61
CA GLY A 59 20.32 20.85 -7.07
C GLY A 59 21.26 19.67 -6.84
N VAL A 60 22.12 19.45 -7.84
CA VAL A 60 23.09 18.37 -7.89
C VAL A 60 24.34 18.64 -7.04
N PRO A 61 24.90 17.68 -6.28
CA PRO A 61 25.89 17.91 -5.24
C PRO A 61 27.36 17.88 -5.63
N ASP A 62 28.16 18.18 -4.60
CA ASP A 62 29.61 18.24 -4.54
C ASP A 62 30.41 17.02 -4.99
N ARG A 63 29.73 15.88 -4.94
CA ARG A 63 30.26 14.55 -5.22
C ARG A 63 30.63 14.29 -6.67
N PHE A 64 29.87 14.90 -7.56
CA PHE A 64 30.00 14.72 -8.99
C PHE A 64 31.11 15.65 -9.55
N SER A 65 32.16 14.91 -9.90
CA SER A 65 33.39 15.42 -10.49
C SER A 65 33.61 14.71 -11.80
N GLY A 66 33.29 15.42 -12.88
CA GLY A 66 33.44 14.87 -14.22
C GLY A 66 34.21 15.84 -15.10
N SER A 67 35.10 15.38 -15.97
CA SER A 67 35.91 16.23 -16.83
C SER A 67 36.33 15.54 -18.15
N LYS A 68 37.57 15.67 -18.65
CA LYS A 68 38.08 15.07 -19.90
C LYS A 68 39.61 15.19 -19.90
N SER A 69 40.18 14.06 -20.27
CA SER A 69 41.59 13.87 -20.53
C SER A 69 41.79 12.93 -21.73
N GLY A 70 42.39 13.61 -22.70
CA GLY A 70 42.65 13.12 -24.05
C GLY A 70 41.32 13.28 -24.76
N ASN A 71 40.86 12.15 -25.27
CA ASN A 71 39.55 12.12 -25.88
C ASN A 71 38.62 11.13 -25.20
N THR A 72 39.13 10.67 -24.05
CA THR A 72 38.40 9.89 -23.07
C THR A 72 38.04 10.92 -22.02
N ALA A 73 36.74 11.20 -22.05
CA ALA A 73 36.14 12.07 -21.08
C ALA A 73 35.79 11.19 -19.90
N SER A 74 35.75 11.71 -18.67
CA SER A 74 35.51 10.93 -17.45
C SER A 74 34.44 11.50 -16.52
N LEU A 75 33.76 10.62 -15.78
CA LEU A 75 32.86 11.01 -14.70
C LEU A 75 33.15 10.11 -13.52
N THR A 76 33.31 10.78 -12.39
CA THR A 76 33.65 10.19 -11.11
C THR A 76 32.62 10.64 -10.06
N VAL A 77 31.88 9.61 -9.62
CA VAL A 77 30.86 9.64 -8.59
C VAL A 77 31.45 8.89 -7.37
N SER A 78 32.14 9.69 -6.55
CA SER A 78 32.80 9.29 -5.32
C SER A 78 31.85 9.29 -4.13
N GLY A 79 32.10 8.33 -3.24
CA GLY A 79 31.38 8.14 -1.99
C GLY A 79 29.90 7.92 -2.21
N LEU A 80 29.67 7.03 -3.16
CA LEU A 80 28.39 6.62 -3.70
C LEU A 80 27.28 6.21 -2.75
N GLN A 81 26.05 6.34 -3.25
CA GLN A 81 24.85 6.06 -2.50
C GLN A 81 23.98 5.09 -3.28
N ALA A 82 22.95 4.60 -2.59
CA ALA A 82 21.95 3.65 -3.11
C ALA A 82 20.98 4.34 -4.08
N GLU A 83 21.09 5.67 -4.15
CA GLU A 83 20.35 6.62 -4.98
C GLU A 83 20.90 6.61 -6.40
N ASP A 84 22.21 6.33 -6.52
CA ASP A 84 22.95 6.46 -7.75
C ASP A 84 22.84 5.36 -8.82
N GLU A 85 21.97 4.36 -8.58
CA GLU A 85 21.62 3.29 -9.52
C GLU A 85 20.76 3.91 -10.61
N ALA A 86 21.42 4.22 -11.71
CA ALA A 86 20.86 4.87 -12.87
C ALA A 86 21.70 4.71 -14.14
N ASP A 87 21.18 5.23 -15.26
CA ASP A 87 21.73 5.14 -16.62
C ASP A 87 22.49 6.44 -16.92
N TYR A 88 23.81 6.40 -16.76
CA TYR A 88 24.68 7.55 -16.94
C TYR A 88 25.42 7.45 -18.29
N TYR A 89 25.33 8.58 -18.98
CA TYR A 89 25.92 8.74 -20.30
C TYR A 89 26.38 10.14 -20.69
N CYS A 90 27.47 10.04 -21.44
CA CYS A 90 28.20 11.13 -22.06
C CYS A 90 27.48 11.61 -23.30
N SER A 91 27.79 12.86 -23.61
CA SER A 91 27.30 13.58 -24.76
C SER A 91 28.39 14.62 -25.07
N SER A 92 28.20 15.30 -26.20
CA SER A 92 29.06 16.37 -26.71
C SER A 92 28.48 16.96 -27.99
N TYR A 93 28.95 18.14 -28.38
CA TYR A 93 28.46 18.93 -29.54
C TYR A 93 28.96 18.38 -30.90
N GLU A 94 28.87 19.09 -32.04
CA GLU A 94 29.45 18.69 -33.35
C GLU A 94 29.88 19.93 -34.12
N GLY A 95 29.29 21.05 -33.73
CA GLY A 95 29.40 22.34 -34.38
C GLY A 95 27.99 22.70 -34.86
N SER A 96 27.84 23.97 -35.22
CA SER A 96 26.62 24.67 -35.65
C SER A 96 25.42 24.39 -34.74
N ASP A 97 24.87 23.19 -34.76
CA ASP A 97 23.77 22.77 -33.91
C ASP A 97 23.93 21.36 -33.35
N ASN A 98 24.37 20.39 -34.18
CA ASN A 98 24.32 18.97 -33.84
C ASN A 98 25.24 18.52 -32.73
N PHE A 99 24.88 17.33 -32.22
CA PHE A 99 25.60 16.67 -31.15
C PHE A 99 25.50 15.15 -31.21
N VAL A 100 26.57 14.51 -30.74
CA VAL A 100 26.64 13.07 -30.61
C VAL A 100 26.51 12.73 -29.11
N PHE A 101 25.85 11.60 -28.85
CA PHE A 101 25.45 11.09 -27.53
C PHE A 101 25.78 9.59 -27.42
N GLY A 102 26.22 9.29 -26.20
CA GLY A 102 26.78 8.02 -25.73
C GLY A 102 25.89 6.78 -25.72
N THR A 103 26.60 5.65 -25.59
CA THR A 103 26.09 4.28 -25.62
C THR A 103 25.79 3.67 -24.23
N GLY A 104 26.04 4.41 -23.15
CA GLY A 104 25.66 4.07 -21.79
C GLY A 104 26.62 3.21 -20.97
N THR A 105 26.59 3.53 -19.67
CA THR A 105 27.27 2.77 -18.64
C THR A 105 26.30 2.61 -17.47
N LYS A 106 26.29 1.33 -17.09
CA LYS A 106 25.54 0.81 -15.95
C LYS A 106 26.46 0.65 -14.75
N VAL A 107 26.17 1.56 -13.82
CA VAL A 107 26.79 1.64 -12.50
C VAL A 107 25.93 0.84 -11.52
N THR A 108 26.68 0.01 -10.80
CA THR A 108 26.23 -0.95 -9.80
C THR A 108 26.90 -0.69 -8.45
N VAL A 109 26.13 -0.79 -7.34
CA VAL A 109 26.71 -0.97 -5.99
C VAL A 109 26.62 -2.51 -5.82
N LEU A 110 27.70 -3.10 -5.32
CA LEU A 110 27.93 -4.54 -5.36
C LEU A 110 27.00 -5.52 -4.62
N GLY A 111 26.38 -6.41 -5.43
CA GLY A 111 25.45 -7.51 -5.05
C GLY A 111 23.93 -7.41 -5.39
N GLN A 112 23.16 -8.40 -5.94
CA GLN A 112 21.70 -8.26 -6.37
C GLN A 112 20.56 -9.34 -6.31
N PRO A 113 19.37 -9.12 -5.68
CA PRO A 113 18.10 -9.92 -5.67
C PRO A 113 16.85 -9.61 -6.57
N LYS A 114 15.72 -10.34 -6.36
CA LYS A 114 14.42 -10.35 -7.09
C LYS A 114 13.22 -9.45 -6.63
N ALA A 115 12.17 -9.18 -7.47
CA ALA A 115 10.96 -8.34 -7.22
C ALA A 115 9.67 -8.53 -8.10
N ASN A 116 8.44 -8.20 -7.61
CA ASN A 116 7.08 -8.56 -8.11
C ASN A 116 5.93 -7.48 -8.15
N PRO A 117 5.33 -6.70 -9.10
CA PRO A 117 3.95 -6.10 -9.06
C PRO A 117 2.72 -6.03 -10.02
N THR A 118 1.73 -6.81 -9.53
CA THR A 118 0.29 -7.04 -9.75
C THR A 118 -0.53 -7.46 -11.00
N VAL A 119 -1.38 -8.38 -10.53
CA VAL A 119 -2.34 -9.11 -11.32
C VAL A 119 -3.74 -8.92 -10.72
N THR A 120 -4.62 -8.05 -11.21
CA THR A 120 -5.94 -7.83 -10.65
C THR A 120 -7.05 -8.58 -11.45
N LEU A 121 -8.35 -8.38 -11.18
CA LEU A 121 -9.54 -8.97 -11.83
C LEU A 121 -10.62 -7.86 -11.98
N PHE A 122 -11.29 -7.60 -13.13
CA PHE A 122 -12.38 -6.57 -13.31
C PHE A 122 -13.39 -7.04 -14.37
N PRO A 123 -14.63 -7.05 -13.87
CA PRO A 123 -15.94 -6.85 -14.56
C PRO A 123 -16.13 -5.96 -15.81
N PRO A 124 -17.34 -5.74 -16.35
CA PRO A 124 -17.66 -4.64 -17.25
C PRO A 124 -17.97 -3.28 -16.62
N SER A 125 -18.42 -2.38 -17.52
CA SER A 125 -18.96 -1.06 -17.22
C SER A 125 -20.43 -1.01 -17.57
N SER A 126 -21.08 -0.03 -16.98
CA SER A 126 -22.50 0.22 -17.23
C SER A 126 -22.74 0.97 -18.54
N GLU A 127 -21.68 1.33 -19.26
CA GLU A 127 -21.71 1.96 -20.58
C GLU A 127 -21.98 0.92 -21.67
N GLU A 128 -21.65 -0.33 -21.36
CA GLU A 128 -21.85 -1.44 -22.27
C GLU A 128 -23.04 -2.28 -21.80
N LEU A 129 -23.23 -2.51 -20.49
CA LEU A 129 -24.31 -3.29 -19.87
C LEU A 129 -25.70 -2.85 -20.34
N GLN A 130 -25.74 -1.55 -20.66
CA GLN A 130 -26.83 -0.81 -21.28
C GLN A 130 -27.20 -1.49 -22.61
N ALA A 131 -26.44 -1.39 -23.69
CA ALA A 131 -26.70 -1.99 -25.00
C ALA A 131 -25.88 -3.29 -25.11
N ASN A 132 -26.52 -4.31 -24.56
CA ASN A 132 -26.14 -5.70 -24.38
C ASN A 132 -24.70 -6.13 -24.68
N LYS A 133 -23.99 -6.28 -23.55
CA LYS A 133 -22.59 -6.69 -23.45
C LYS A 133 -22.11 -6.69 -21.99
N ALA A 134 -21.26 -7.67 -21.72
CA ALA A 134 -20.49 -7.83 -20.50
C ALA A 134 -19.14 -8.38 -20.96
N THR A 135 -18.18 -7.46 -21.08
CA THR A 135 -16.78 -7.76 -21.45
C THR A 135 -15.95 -7.54 -20.20
N GLU A 136 -15.42 -8.67 -19.77
CA GLU A 136 -14.53 -8.79 -18.64
C GLU A 136 -13.15 -9.00 -19.24
N VAL A 137 -12.14 -8.97 -18.38
CA VAL A 137 -10.73 -8.97 -18.69
C VAL A 137 -9.83 -9.68 -17.64
N CYS A 138 -8.49 -9.81 -17.70
CA CYS A 138 -7.60 -10.39 -16.65
C CYS A 138 -6.19 -9.74 -16.73
N LEU A 139 -5.59 -8.82 -15.89
CA LEU A 139 -4.27 -8.15 -16.05
C LEU A 139 -3.12 -8.60 -15.22
N ILE A 140 -2.18 -9.01 -16.06
CA ILE A 140 -0.91 -9.55 -15.65
C ILE A 140 0.17 -8.51 -15.94
N SER A 141 0.31 -7.58 -15.00
CA SER A 141 1.35 -6.58 -15.10
C SER A 141 2.61 -6.84 -14.30
N ASP A 142 3.59 -6.54 -15.16
CA ASP A 142 5.04 -6.42 -15.02
C ASP A 142 5.77 -7.66 -14.55
N PHE A 143 6.77 -8.02 -15.38
CA PHE A 143 7.70 -9.14 -15.18
C PHE A 143 8.92 -9.11 -16.15
N TYR A 144 9.93 -9.98 -15.99
CA TYR A 144 11.12 -10.02 -16.89
C TYR A 144 11.60 -11.49 -17.13
N PRO A 145 10.80 -12.43 -17.65
CA PRO A 145 10.62 -12.76 -19.06
C PRO A 145 9.46 -12.32 -19.96
N GLY A 146 9.57 -12.50 -21.28
CA GLY A 146 8.46 -12.24 -22.21
C GLY A 146 7.61 -13.49 -22.45
N ALA A 147 7.23 -14.17 -21.38
CA ALA A 147 6.54 -15.46 -21.41
C ALA A 147 5.64 -15.76 -20.16
N VAL A 148 4.36 -15.40 -20.25
CA VAL A 148 3.34 -15.49 -19.20
C VAL A 148 2.19 -16.29 -19.80
N THR A 149 1.31 -16.88 -18.99
CA THR A 149 0.10 -17.49 -19.50
C THR A 149 -1.02 -16.94 -18.61
N VAL A 150 -2.24 -17.26 -19.04
CA VAL A 150 -3.52 -16.92 -18.41
C VAL A 150 -4.51 -18.05 -18.78
N ALA A 151 -5.56 -18.12 -17.97
CA ALA A 151 -6.70 -19.03 -18.01
C ALA A 151 -7.64 -18.54 -16.90
N TRP A 152 -8.93 -18.81 -17.10
CA TRP A 152 -9.96 -18.39 -16.17
C TRP A 152 -10.74 -19.58 -15.60
N LYS A 153 -11.67 -19.22 -14.72
CA LYS A 153 -12.62 -20.07 -14.02
C LYS A 153 -13.92 -19.27 -14.03
N ALA A 154 -15.01 -20.02 -13.90
CA ALA A 154 -16.38 -19.51 -13.81
C ALA A 154 -17.17 -20.58 -13.04
N ASP A 155 -17.17 -20.29 -11.73
CA ASP A 155 -17.66 -20.96 -10.54
C ASP A 155 -16.70 -22.06 -10.06
N GLY A 156 -15.47 -21.93 -10.57
CA GLY A 156 -14.33 -22.71 -10.15
C GLY A 156 -13.77 -23.64 -11.24
N SER A 157 -14.57 -23.94 -12.25
CA SER A 157 -14.27 -24.95 -13.27
C SER A 157 -13.68 -24.45 -14.59
N PRO A 158 -12.94 -25.22 -15.43
CA PRO A 158 -12.43 -24.83 -16.75
C PRO A 158 -13.44 -24.39 -17.79
N VAL A 159 -13.19 -23.17 -18.27
CA VAL A 159 -13.93 -22.51 -19.33
C VAL A 159 -13.22 -22.71 -20.66
N LYS A 160 -14.01 -22.81 -21.73
CA LYS A 160 -13.52 -23.01 -23.08
C LYS A 160 -14.28 -22.33 -24.23
N ALA A 161 -14.02 -21.03 -24.37
CA ALA A 161 -14.43 -20.10 -25.42
C ALA A 161 -14.31 -18.63 -25.01
N GLY A 162 -14.28 -17.86 -26.10
CA GLY A 162 -14.36 -16.40 -26.14
C GLY A 162 -13.35 -15.56 -25.36
N VAL A 163 -12.20 -16.13 -25.05
CA VAL A 163 -11.10 -15.50 -24.33
C VAL A 163 -9.86 -15.38 -25.22
N GLU A 164 -9.44 -14.12 -25.31
CA GLU A 164 -8.31 -13.62 -26.08
C GLU A 164 -7.25 -13.10 -25.13
N THR A 165 -6.24 -13.94 -24.98
CA THR A 165 -5.02 -13.82 -24.17
C THR A 165 -3.91 -13.63 -25.19
N THR A 166 -3.13 -12.56 -25.11
CA THR A 166 -2.03 -12.30 -26.02
C THR A 166 -0.79 -11.67 -25.35
N LYS A 167 0.29 -12.26 -25.83
CA LYS A 167 1.70 -12.14 -25.47
C LYS A 167 2.41 -10.85 -25.06
N PRO A 168 3.31 -10.84 -24.07
CA PRO A 168 3.94 -9.65 -23.45
C PRO A 168 5.17 -8.86 -23.98
N SER A 169 5.22 -7.51 -24.06
CA SER A 169 6.44 -6.74 -24.34
C SER A 169 6.43 -5.35 -23.74
N LYS A 170 7.71 -5.03 -23.56
CA LYS A 170 8.31 -3.92 -22.83
C LYS A 170 7.69 -2.55 -22.70
N GLN A 171 7.96 -2.15 -21.47
CA GLN A 171 7.44 -0.96 -20.81
C GLN A 171 8.52 0.10 -20.79
N SER A 172 8.28 1.17 -20.04
CA SER A 172 9.18 2.31 -19.91
C SER A 172 10.22 2.13 -18.78
N ASN A 173 10.10 1.01 -18.06
CA ASN A 173 11.05 0.55 -17.04
C ASN A 173 11.73 -0.73 -17.54
N ASN A 174 11.43 -1.07 -18.80
CA ASN A 174 11.86 -2.19 -19.62
C ASN A 174 11.75 -3.59 -19.02
N LYS A 175 10.47 -3.79 -18.66
CA LYS A 175 9.87 -5.03 -18.18
C LYS A 175 8.61 -5.27 -19.02
N TYR A 176 8.31 -6.53 -19.34
CA TYR A 176 7.22 -6.88 -20.25
C TYR A 176 5.84 -6.96 -19.53
N ALA A 177 4.69 -6.84 -20.20
CA ALA A 177 3.39 -6.85 -19.52
C ALA A 177 2.33 -7.44 -20.40
N ALA A 178 1.26 -7.98 -19.81
CA ALA A 178 0.35 -8.79 -20.61
C ALA A 178 -1.13 -8.41 -20.66
N SER A 179 -1.80 -9.01 -21.65
CA SER A 179 -3.21 -8.78 -21.96
C SER A 179 -4.06 -10.03 -22.18
N SER A 180 -5.32 -9.91 -21.76
CA SER A 180 -6.44 -10.87 -21.84
C SER A 180 -7.79 -10.21 -21.68
N TYR A 181 -8.80 -10.84 -22.31
CA TYR A 181 -10.24 -10.50 -22.19
C TYR A 181 -11.20 -11.61 -22.64
N LEU A 182 -12.37 -11.70 -21.98
CA LEU A 182 -13.44 -12.64 -22.35
C LEU A 182 -14.77 -11.89 -22.37
N SER A 183 -15.51 -12.27 -23.38
CA SER A 183 -16.75 -11.62 -23.78
C SER A 183 -18.01 -12.47 -23.87
N LEU A 184 -18.86 -12.00 -22.97
CA LEU A 184 -20.19 -12.49 -22.74
C LEU A 184 -21.21 -11.35 -22.86
N THR A 185 -22.49 -11.60 -22.55
CA THR A 185 -23.58 -10.61 -22.53
C THR A 185 -24.12 -10.39 -21.10
N PRO A 186 -24.95 -9.38 -20.67
CA PRO A 186 -25.38 -9.13 -19.28
C PRO A 186 -25.79 -10.38 -18.54
N GLU A 187 -26.73 -11.08 -19.18
CA GLU A 187 -27.35 -12.32 -18.72
C GLU A 187 -26.36 -13.36 -18.23
N GLN A 188 -25.25 -13.60 -18.93
CA GLN A 188 -24.29 -14.64 -18.59
C GLN A 188 -23.43 -14.23 -17.39
N TRP A 189 -23.18 -12.91 -17.19
CA TRP A 189 -22.52 -12.30 -16.00
C TRP A 189 -23.50 -12.41 -14.85
N LYS A 190 -24.78 -12.14 -15.10
CA LYS A 190 -25.86 -12.12 -14.11
C LYS A 190 -26.23 -13.49 -13.52
N SER A 191 -25.94 -14.53 -14.30
CA SER A 191 -26.13 -15.92 -13.94
C SER A 191 -24.95 -16.37 -13.09
N HIS A 192 -23.77 -15.80 -13.38
CA HIS A 192 -22.52 -16.11 -12.74
C HIS A 192 -22.18 -15.23 -11.59
N ARG A 193 -21.87 -15.99 -10.55
CA ARG A 193 -21.44 -15.43 -9.30
C ARG A 193 -19.95 -15.26 -9.55
N SER A 194 -19.12 -16.24 -9.93
CA SER A 194 -17.71 -15.90 -9.92
C SER A 194 -17.03 -15.93 -11.28
N TYR A 195 -15.87 -15.27 -11.32
CA TYR A 195 -14.93 -15.30 -12.45
C TYR A 195 -13.58 -15.06 -11.76
N SER A 196 -12.87 -16.16 -11.64
CA SER A 196 -11.54 -16.16 -11.06
C SER A 196 -10.56 -16.30 -12.23
N CYS A 197 -9.38 -15.69 -12.12
CA CYS A 197 -8.36 -15.72 -13.16
C CYS A 197 -7.00 -16.10 -12.58
N GLN A 198 -6.42 -16.97 -13.41
CA GLN A 198 -5.21 -17.77 -13.22
C GLN A 198 -4.19 -17.46 -14.28
N VAL A 199 -3.15 -16.77 -13.83
CA VAL A 199 -2.02 -16.46 -14.70
C VAL A 199 -0.90 -17.46 -14.34
N THR A 200 0.16 -17.51 -15.13
CA THR A 200 1.38 -18.20 -14.73
C THR A 200 2.45 -17.40 -15.46
N HIS A 201 3.66 -17.69 -15.05
CA HIS A 201 4.84 -16.98 -15.44
C HIS A 201 6.04 -17.76 -14.89
N GLU A 202 6.52 -18.74 -15.67
CA GLU A 202 7.74 -19.47 -15.35
C GLU A 202 7.80 -20.08 -13.97
N GLY A 203 6.79 -20.87 -13.67
CA GLY A 203 6.77 -21.60 -12.42
C GLY A 203 6.15 -20.78 -11.30
N SER A 204 6.16 -19.46 -11.38
CA SER A 204 5.41 -18.58 -10.51
C SER A 204 4.05 -18.60 -11.23
N THR A 205 3.16 -19.45 -10.72
CA THR A 205 1.80 -19.68 -11.20
C THR A 205 0.84 -19.32 -10.09
N VAL A 206 -0.27 -18.82 -10.59
CA VAL A 206 -1.23 -18.06 -9.86
C VAL A 206 -2.71 -18.47 -10.08
N GLU A 207 -3.53 -18.50 -9.02
CA GLU A 207 -5.02 -18.59 -9.01
C GLU A 207 -5.24 -17.38 -8.07
N LYS A 208 -5.52 -16.16 -8.59
CA LYS A 208 -5.30 -14.92 -7.83
C LYS A 208 -6.26 -14.37 -6.74
N THR A 209 -7.05 -13.28 -6.93
CA THR A 209 -8.03 -12.54 -6.10
C THR A 209 -7.69 -11.98 -4.69
N VAL A 210 -7.85 -10.64 -4.72
CA VAL A 210 -7.73 -9.63 -3.65
C VAL A 210 -9.03 -9.78 -2.84
N ALA A 211 -10.08 -10.18 -3.58
CA ALA A 211 -11.46 -10.35 -3.17
C ALA A 211 -11.63 -11.14 -1.90
N PRO A 212 -12.41 -10.61 -0.96
CA PRO A 212 -12.68 -11.28 0.28
C PRO A 212 -14.00 -12.06 0.18
N THR A 213 -14.44 -12.63 -0.96
CA THR A 213 -15.70 -13.32 -1.35
C THR A 213 -16.27 -12.43 -2.47
N GLU A 214 -17.52 -12.61 -2.94
CA GLU A 214 -18.15 -11.71 -3.87
C GLU A 214 -19.47 -11.07 -3.33
N CYS A 215 -20.50 -11.64 -2.61
CA CYS A 215 -21.73 -11.07 -2.14
C CYS A 215 -22.31 -9.87 -2.85
N SER A 216 -23.26 -9.19 -2.12
CA SER A 216 -24.21 -8.12 -2.49
C SER A 216 -24.12 -7.04 -3.57
N PRO B 1 1.84 24.71 -19.35
CA PRO B 1 2.37 23.37 -19.54
C PRO B 1 2.60 23.13 -21.02
N LEU B 2 3.60 22.30 -21.34
CA LEU B 2 4.03 21.98 -22.70
C LEU B 2 3.42 20.66 -23.16
N VAL B 3 3.04 20.55 -24.44
CA VAL B 3 2.62 19.31 -25.09
C VAL B 3 3.26 19.32 -26.48
N LEU B 4 3.62 18.12 -26.91
CA LEU B 4 4.20 17.74 -28.21
C LEU B 4 3.44 16.46 -28.57
N GLN B 5 2.82 16.44 -29.75
CA GLN B 5 1.95 15.35 -30.19
C GLN B 5 2.00 15.23 -31.71
N GLU B 6 2.17 13.98 -32.12
CA GLU B 6 2.44 13.52 -33.46
C GLU B 6 1.29 12.91 -34.25
N SER B 7 1.38 13.02 -35.58
CA SER B 7 0.41 12.45 -36.52
C SER B 7 1.12 12.01 -37.80
N GLY B 8 0.29 11.32 -38.59
CA GLY B 8 0.56 10.70 -39.89
C GLY B 8 0.49 9.16 -39.86
N PRO B 9 -0.08 8.36 -38.93
CA PRO B 9 0.19 6.94 -38.76
C PRO B 9 -0.47 5.97 -39.72
N GLY B 10 0.02 4.74 -39.62
CA GLY B 10 -0.47 3.66 -40.43
C GLY B 10 0.65 2.68 -40.70
N LEU B 11 0.21 1.64 -41.39
CA LEU B 11 1.01 0.49 -41.75
C LEU B 11 0.92 0.47 -43.31
N VAL B 12 2.06 0.42 -44.02
CA VAL B 12 2.28 0.51 -45.49
C VAL B 12 3.37 -0.42 -46.08
N LYS B 13 3.62 -0.77 -47.39
CA LYS B 13 4.65 -1.79 -47.69
C LYS B 13 5.78 -1.33 -48.63
N PRO B 14 7.08 -1.23 -48.32
CA PRO B 14 8.14 -0.70 -49.21
C PRO B 14 8.23 -0.75 -50.77
N SER B 15 8.18 0.52 -51.30
CA SER B 15 8.43 1.18 -52.60
C SER B 15 7.67 2.25 -53.35
N GLU B 16 7.20 3.14 -52.47
CA GLU B 16 6.32 4.34 -52.65
C GLU B 16 6.47 5.57 -51.65
N ALA B 17 5.69 6.20 -50.64
CA ALA B 17 5.65 7.44 -49.79
C ALA B 17 4.84 7.46 -48.33
N LEU B 18 4.94 8.20 -47.10
CA LEU B 18 4.39 8.70 -45.68
C LEU B 18 5.13 10.02 -44.99
N SER B 19 4.25 10.85 -44.49
CA SER B 19 4.47 12.19 -44.03
C SER B 19 3.88 12.30 -42.63
N LEU B 20 4.84 12.42 -41.72
CA LEU B 20 4.60 12.54 -40.31
C LEU B 20 4.82 14.00 -39.93
N THR B 21 4.31 14.34 -38.76
CA THR B 21 4.27 15.71 -38.28
C THR B 21 4.13 15.77 -36.73
N CYS B 22 4.51 16.90 -36.09
CA CYS B 22 4.33 17.16 -34.65
C CYS B 22 4.02 18.60 -34.24
N THR B 23 2.88 18.81 -33.60
CA THR B 23 2.48 20.13 -33.14
C THR B 23 2.46 20.20 -31.59
N VAL B 24 2.82 21.42 -31.19
CA VAL B 24 3.18 21.85 -29.84
C VAL B 24 2.31 23.03 -29.33
N SER B 25 1.91 22.99 -28.06
CA SER B 25 1.12 24.01 -27.38
C SER B 25 1.47 24.22 -25.89
N GLY B 26 2.31 25.22 -25.64
CA GLY B 26 2.60 25.66 -24.27
C GLY B 26 4.07 25.94 -23.94
N ASP B 27 4.89 26.02 -25.00
CA ASP B 27 6.30 26.39 -25.01
C ASP B 27 6.60 26.69 -26.49
N SER B 28 7.43 27.69 -26.64
CA SER B 28 7.90 28.28 -27.89
C SER B 28 9.17 27.52 -28.25
N ILE B 29 9.41 27.40 -29.56
CA ILE B 29 10.65 27.04 -30.26
C ILE B 29 10.39 26.59 -31.73
N ASN B 30 10.19 25.32 -32.12
CA ASN B 30 10.03 24.60 -33.38
C ASN B 30 11.42 24.43 -33.91
N THR B 31 12.02 25.51 -34.35
CA THR B 31 13.41 25.51 -34.78
C THR B 31 13.97 26.74 -34.05
N ILE B 32 13.26 27.89 -34.13
CA ILE B 32 13.68 29.19 -33.55
C ILE B 32 13.72 29.30 -31.99
N LEU B 33 14.94 29.15 -31.45
CA LEU B 33 15.45 29.25 -30.07
C LEU B 33 16.51 28.20 -29.76
N TYR B 34 16.19 26.99 -30.20
CA TYR B 34 16.90 25.77 -29.83
C TYR B 34 16.94 24.88 -31.08
N TYR B 35 16.57 23.61 -30.96
CA TYR B 35 16.69 22.65 -32.03
C TYR B 35 15.58 21.58 -31.85
N TRP B 36 15.53 20.72 -32.85
CA TRP B 36 14.62 19.59 -32.83
C TRP B 36 15.25 18.36 -33.46
N SER B 37 14.78 17.29 -32.82
CA SER B 37 15.13 15.91 -33.02
C SER B 37 13.86 15.08 -33.23
N TRP B 38 14.20 13.96 -33.83
CA TRP B 38 13.34 12.84 -34.20
C TRP B 38 14.18 11.62 -33.88
N ILE B 39 13.54 10.64 -33.26
CA ILE B 39 14.14 9.40 -32.83
C ILE B 39 13.47 8.22 -33.56
N ARG B 40 14.01 7.04 -33.31
CA ARG B 40 13.49 5.77 -33.78
C ARG B 40 13.93 4.65 -32.84
N GLN B 41 13.00 3.73 -32.58
CA GLN B 41 13.23 2.57 -31.73
C GLN B 41 12.60 1.35 -32.42
N PRO B 42 13.34 0.43 -33.07
CA PRO B 42 12.86 -0.85 -33.60
C PRO B 42 12.18 -1.75 -32.54
N PRO B 43 11.16 -2.57 -32.83
CA PRO B 43 10.50 -3.46 -31.88
C PRO B 43 11.38 -4.58 -31.35
N GLY B 44 12.04 -4.23 -30.25
CA GLY B 44 12.96 -5.09 -29.53
C GLY B 44 14.28 -4.37 -29.19
N LYS B 45 14.59 -3.27 -29.89
CA LYS B 45 15.77 -2.44 -29.71
C LYS B 45 15.30 -1.16 -29.00
N GLY B 46 16.24 -0.24 -28.76
CA GLY B 46 16.04 1.06 -28.16
C GLY B 46 16.38 2.17 -29.15
N LEU B 47 16.54 3.32 -28.51
CA LEU B 47 16.64 4.63 -29.12
C LEU B 47 17.92 5.00 -29.87
N GLU B 48 17.66 5.48 -31.10
CA GLU B 48 18.62 5.96 -32.08
C GLU B 48 18.05 7.24 -32.68
N TRP B 49 18.94 8.21 -32.82
CA TRP B 49 18.69 9.58 -33.31
C TRP B 49 18.64 9.48 -34.83
N ILE B 50 17.71 10.18 -35.51
CA ILE B 50 17.58 10.11 -36.99
C ILE B 50 17.94 11.45 -37.66
N GLY B 51 17.90 12.60 -36.98
CA GLY B 51 18.22 13.90 -37.54
C GLY B 51 18.23 15.02 -36.51
N TYR B 52 18.70 16.16 -36.98
CA TYR B 52 18.75 17.39 -36.22
C TYR B 52 18.54 18.58 -37.16
N ILE B 53 18.03 19.64 -36.54
CA ILE B 53 17.80 20.95 -37.18
C ILE B 53 18.05 22.04 -36.10
N TYR B 54 18.38 23.28 -36.48
CA TYR B 54 18.73 24.46 -35.64
C TYR B 54 17.68 25.55 -35.87
N TYR B 55 17.96 26.75 -35.29
CA TYR B 55 17.24 28.05 -35.33
C TYR B 55 16.54 28.29 -36.66
N SER B 56 17.19 27.89 -37.74
CA SER B 56 16.71 27.85 -39.12
C SER B 56 17.95 28.02 -40.00
N GLY B 57 18.44 26.86 -40.41
CA GLY B 57 19.51 26.84 -41.38
C GLY B 57 20.51 25.68 -41.36
N SER B 58 20.31 24.56 -40.66
CA SER B 58 21.26 23.42 -40.67
C SER B 58 20.66 22.10 -40.16
N THR B 59 20.26 21.32 -41.16
CA THR B 59 19.63 20.02 -41.00
C THR B 59 20.64 18.91 -41.33
N TYR B 60 20.98 18.13 -40.29
CA TYR B 60 21.92 16.99 -40.39
C TYR B 60 21.23 15.72 -39.88
N GLY B 61 21.17 14.82 -40.83
CA GLY B 61 20.56 13.50 -40.74
C GLY B 61 21.55 12.34 -40.63
N ASN B 62 21.09 11.28 -39.98
CA ASN B 62 21.83 10.04 -39.58
C ASN B 62 22.51 9.21 -40.67
N PRO B 63 23.76 8.67 -40.83
CA PRO B 63 24.27 7.71 -41.86
C PRO B 63 23.55 6.47 -42.38
N SER B 64 22.52 6.17 -41.63
CA SER B 64 21.50 5.21 -41.99
C SER B 64 20.70 6.24 -42.81
N LEU B 65 19.96 7.15 -42.17
CA LEU B 65 19.10 8.08 -42.87
C LEU B 65 19.75 9.40 -43.39
N LYS B 66 21.03 9.39 -43.87
CA LYS B 66 21.80 10.53 -44.41
C LYS B 66 21.76 10.40 -45.90
N SER B 67 21.45 11.57 -46.44
CA SER B 67 21.16 12.01 -47.80
C SER B 67 19.68 11.69 -47.97
N ARG B 68 19.25 10.55 -47.34
CA ARG B 68 17.88 10.04 -47.29
C ARG B 68 17.06 11.07 -46.49
N VAL B 69 17.03 11.21 -45.13
CA VAL B 69 16.14 12.13 -44.35
C VAL B 69 15.92 13.59 -44.82
N THR B 70 14.77 14.12 -44.38
CA THR B 70 14.41 15.53 -44.39
C THR B 70 13.45 15.72 -43.20
N ILE B 71 14.09 16.44 -42.29
CA ILE B 71 13.59 16.90 -40.98
C ILE B 71 13.44 18.42 -41.19
N SER B 72 12.18 18.88 -41.30
CA SER B 72 11.83 20.27 -41.58
C SER B 72 10.80 20.80 -40.57
N VAL B 73 10.47 22.08 -40.64
CA VAL B 73 9.71 22.78 -39.62
C VAL B 73 8.72 23.70 -40.32
N ASN B 74 7.77 24.18 -39.54
CA ASN B 74 6.83 25.21 -39.96
C ASN B 74 6.60 26.10 -38.72
N THR B 75 7.64 26.90 -38.41
CA THR B 75 7.81 27.91 -37.36
C THR B 75 6.62 28.77 -36.94
N SER B 76 5.98 29.42 -37.90
CA SER B 76 4.85 30.33 -37.74
C SER B 76 3.57 29.58 -37.40
N LYS B 77 3.39 28.35 -37.91
CA LYS B 77 2.23 27.51 -37.64
C LYS B 77 2.54 26.60 -36.44
N ASN B 78 3.77 26.68 -35.90
CA ASN B 78 4.39 26.00 -34.76
C ASN B 78 4.57 24.48 -34.87
N GLN B 79 4.19 23.92 -36.03
CA GLN B 79 4.20 22.49 -36.35
C GLN B 79 5.56 22.06 -36.92
N PHE B 80 5.81 20.74 -36.84
CA PHE B 80 7.05 20.09 -37.30
C PHE B 80 6.71 19.30 -38.57
N TYR B 81 7.72 18.86 -39.30
CA TYR B 81 7.56 18.08 -40.52
C TYR B 81 8.67 17.02 -40.63
N SER B 82 8.21 15.81 -40.98
CA SER B 82 8.97 14.61 -41.37
C SER B 82 8.39 14.06 -42.67
N LYS B 83 8.83 14.66 -43.76
CA LYS B 83 8.52 14.05 -45.03
C LYS B 83 9.88 13.47 -45.39
N LEU B 84 9.72 12.24 -45.77
CA LEU B 84 10.82 11.38 -45.99
C LEU B 84 10.60 10.84 -47.51
N SER B 85 10.57 9.58 -48.14
CA SER B 85 10.41 8.87 -49.51
C SER B 85 11.23 7.46 -49.46
N SER B 86 11.02 6.17 -48.98
CA SER B 86 11.70 4.77 -48.83
C SER B 86 12.09 3.98 -47.51
N VAL B 87 11.12 3.98 -46.52
CA VAL B 87 11.14 3.33 -45.20
C VAL B 87 10.94 1.85 -45.47
N THR B 88 12.10 1.23 -45.43
CA THR B 88 12.21 -0.18 -45.72
C THR B 88 11.93 -0.98 -44.45
N ALA B 89 12.05 -2.29 -44.62
CA ALA B 89 11.73 -3.35 -43.68
C ALA B 89 12.07 -3.18 -42.21
N ALA B 90 13.24 -2.63 -41.93
CA ALA B 90 13.77 -2.45 -40.59
C ALA B 90 13.49 -1.05 -40.03
N ASP B 91 13.26 -0.03 -40.89
CA ASP B 91 13.03 1.37 -40.51
C ASP B 91 11.76 1.62 -39.67
N THR B 92 10.87 0.61 -39.63
CA THR B 92 9.62 0.59 -38.88
C THR B 92 10.01 0.60 -37.41
N ALA B 93 9.76 1.78 -36.88
CA ALA B 93 10.10 2.13 -35.53
C ALA B 93 9.13 3.08 -34.83
N VAL B 94 9.37 3.30 -33.53
CA VAL B 94 8.60 4.15 -32.62
C VAL B 94 9.23 5.53 -32.82
N TYR B 95 8.63 6.34 -33.68
CA TYR B 95 9.12 7.66 -33.99
C TYR B 95 8.41 8.62 -33.04
N TYR B 96 9.25 9.44 -32.40
CA TYR B 96 8.78 10.44 -31.44
C TYR B 96 9.57 11.73 -31.54
N CYS B 97 8.68 12.71 -31.43
CA CYS B 97 8.85 14.15 -31.53
C CYS B 97 9.50 14.66 -30.26
N ALA B 98 10.79 14.79 -30.42
CA ALA B 98 11.71 15.07 -29.37
C ALA B 98 12.26 16.49 -29.30
N ARG B 99 11.63 17.38 -28.50
CA ARG B 99 12.10 18.76 -28.32
C ARG B 99 13.42 18.61 -27.59
N VAL B 100 14.22 19.60 -27.84
CA VAL B 100 15.49 19.68 -27.16
C VAL B 100 15.48 20.82 -26.14
N PRO B 101 16.07 20.56 -24.97
CA PRO B 101 16.67 21.57 -24.09
C PRO B 101 18.16 21.76 -24.46
N LEU B 102 19.07 21.10 -23.73
CA LEU B 102 20.52 21.09 -23.85
C LEU B 102 20.85 19.72 -24.48
N VAL B 103 20.03 18.66 -24.29
CA VAL B 103 20.19 17.38 -25.06
C VAL B 103 18.85 16.84 -25.60
N VAL B 104 17.93 15.95 -25.19
CA VAL B 104 16.70 15.56 -25.95
C VAL B 104 15.90 15.05 -24.73
N ASN B 105 15.22 15.93 -23.99
CA ASN B 105 14.49 15.55 -22.78
C ASN B 105 12.97 15.74 -22.87
N PRO B 106 12.22 16.73 -23.43
CA PRO B 106 10.75 16.68 -23.52
C PRO B 106 10.31 15.69 -24.59
N TRP B 107 9.52 14.78 -24.04
CA TRP B 107 8.99 13.64 -24.75
C TRP B 107 7.60 14.00 -25.23
N GLY B 108 7.46 13.66 -26.49
CA GLY B 108 6.19 13.80 -27.19
C GLY B 108 5.26 12.66 -26.80
N GLN B 109 4.38 12.27 -27.74
CA GLN B 109 3.57 11.08 -27.53
C GLN B 109 4.13 10.10 -28.56
N GLY B 110 4.31 10.62 -29.76
CA GLY B 110 4.87 9.93 -30.89
C GLY B 110 3.80 9.27 -31.73
N THR B 111 4.17 8.95 -32.95
CA THR B 111 3.31 8.19 -33.82
C THR B 111 4.23 7.28 -34.63
N LEU B 112 3.69 6.07 -34.55
CA LEU B 112 4.25 4.84 -35.06
C LEU B 112 4.27 4.81 -36.58
N VAL B 113 5.48 4.53 -37.03
CA VAL B 113 5.75 4.20 -38.39
C VAL B 113 5.94 2.72 -38.33
N THR B 114 4.96 2.17 -39.00
CA THR B 114 4.80 0.74 -39.18
C THR B 114 4.60 0.32 -40.65
N VAL B 115 4.57 -0.97 -41.01
CA VAL B 115 4.67 -1.57 -42.39
C VAL B 115 3.66 -2.73 -42.72
N SER B 116 2.60 -2.50 -43.59
CA SER B 116 1.49 -3.23 -44.32
C SER B 116 0.01 -3.41 -43.80
N SER B 117 -0.88 -2.39 -44.00
CA SER B 117 -2.31 -2.17 -43.66
C SER B 117 -2.75 -1.94 -42.19
N ALA B 118 -3.32 -2.83 -41.34
CA ALA B 118 -3.65 -2.77 -39.90
C ALA B 118 -5.09 -2.45 -39.56
N SER B 119 -5.44 -2.87 -38.35
CA SER B 119 -6.75 -2.85 -37.73
C SER B 119 -6.81 -1.85 -36.54
N THR B 120 -7.92 -1.80 -35.79
CA THR B 120 -8.21 -0.94 -34.63
C THR B 120 -9.41 -1.53 -33.81
N LYS B 121 -9.12 -2.16 -32.65
CA LYS B 121 -10.12 -2.84 -31.80
C LYS B 121 -9.87 -3.01 -30.29
N GLY B 122 -10.81 -2.37 -29.54
CA GLY B 122 -11.17 -2.45 -28.09
C GLY B 122 -10.14 -2.34 -26.96
N PRO B 123 -10.43 -1.68 -25.82
CA PRO B 123 -9.83 -1.96 -24.51
C PRO B 123 -10.82 -2.48 -23.48
N SER B 124 -10.28 -2.47 -22.26
CA SER B 124 -11.01 -2.60 -21.02
C SER B 124 -10.05 -2.30 -19.84
N VAL B 125 -10.47 -2.67 -18.62
CA VAL B 125 -10.02 -2.10 -17.35
C VAL B 125 -9.68 -2.99 -16.19
N PHE B 126 -8.94 -2.45 -15.19
CA PHE B 126 -8.34 -3.13 -14.03
C PHE B 126 -8.24 -2.31 -12.74
N PRO B 127 -8.85 -2.21 -11.57
CA PRO B 127 -8.55 -1.16 -10.59
C PRO B 127 -7.60 -1.57 -9.46
N LEU B 128 -6.32 -1.16 -9.32
CA LEU B 128 -5.47 -1.56 -8.21
C LEU B 128 -6.22 -1.08 -6.97
N ALA B 129 -6.64 -2.11 -6.27
CA ALA B 129 -7.46 -1.96 -5.09
C ALA B 129 -6.68 -2.43 -3.89
N PRO B 130 -6.51 -1.62 -2.83
CA PRO B 130 -5.35 -1.66 -1.94
C PRO B 130 -5.30 -2.73 -0.85
N SER B 131 -4.07 -3.15 -0.57
CA SER B 131 -3.71 -4.11 0.47
C SER B 131 -3.67 -3.40 1.81
N SER B 132 -4.41 -3.97 2.75
CA SER B 132 -4.59 -3.48 4.12
C SER B 132 -3.30 -3.44 4.91
N LYS B 133 -2.42 -4.39 4.58
CA LYS B 133 -1.09 -4.59 5.12
C LYS B 133 -0.26 -3.37 4.77
N SER B 134 0.02 -2.71 5.87
CA SER B 134 0.61 -1.41 5.93
C SER B 134 2.05 -1.18 5.51
N THR B 135 2.16 -0.13 4.73
CA THR B 135 3.43 0.45 4.34
C THR B 135 3.65 1.63 5.31
N SER B 136 4.90 2.06 5.42
CA SER B 136 5.35 3.01 6.41
C SER B 136 5.04 4.48 6.18
N GLY B 137 4.55 5.04 7.28
CA GLY B 137 4.14 6.42 7.43
C GLY B 137 2.72 6.62 6.92
N GLY B 138 2.37 7.88 6.68
CA GLY B 138 1.08 8.29 6.15
C GLY B 138 1.01 8.22 4.62
N THR B 139 1.28 7.01 4.14
CA THR B 139 1.32 6.62 2.75
C THR B 139 0.23 5.56 2.53
N ALA B 140 -0.50 5.71 1.43
CA ALA B 140 -1.47 4.76 0.91
C ALA B 140 -1.70 5.04 -0.57
N ALA B 141 -1.52 3.91 -1.24
CA ALA B 141 -1.56 3.83 -2.68
C ALA B 141 -2.41 2.66 -3.13
N LEU B 142 -3.43 3.12 -3.84
CA LEU B 142 -4.41 2.34 -4.56
C LEU B 142 -4.31 2.71 -6.04
N GLY B 143 -5.25 2.33 -6.91
CA GLY B 143 -5.18 2.62 -8.33
C GLY B 143 -6.37 2.19 -9.22
N CYS B 144 -5.89 2.10 -10.47
CA CYS B 144 -6.56 1.76 -11.69
C CYS B 144 -5.46 1.33 -12.65
N LEU B 145 -5.82 0.63 -13.72
CA LEU B 145 -4.99 0.21 -14.84
C LEU B 145 -5.89 -0.33 -15.97
N VAL B 146 -5.47 -0.05 -17.22
CA VAL B 146 -6.21 -0.31 -18.49
C VAL B 146 -5.45 -1.29 -19.38
N LYS B 147 -6.24 -2.25 -19.86
CA LYS B 147 -5.88 -3.43 -20.61
C LYS B 147 -6.53 -3.74 -21.96
N ASP B 148 -5.66 -4.28 -22.83
CA ASP B 148 -5.87 -4.90 -24.14
C ASP B 148 -6.51 -4.04 -25.19
N TYR B 149 -5.74 -3.03 -25.56
CA TYR B 149 -6.21 -2.18 -26.62
C TYR B 149 -5.44 -2.22 -27.93
N PHE B 150 -6.08 -1.59 -28.89
CA PHE B 150 -5.46 -1.32 -30.21
C PHE B 150 -5.94 0.10 -30.62
N PRO B 151 -5.13 0.89 -31.40
CA PRO B 151 -4.65 2.24 -31.10
C PRO B 151 -4.48 2.80 -29.73
N GLN B 152 -3.37 3.54 -29.62
CA GLN B 152 -3.06 4.14 -28.34
C GLN B 152 -3.39 5.65 -28.26
N PRO B 153 -2.88 6.55 -27.38
CA PRO B 153 -3.61 7.26 -26.31
C PRO B 153 -5.05 6.97 -25.87
N VAL B 154 -5.18 7.08 -24.53
CA VAL B 154 -6.38 6.83 -23.71
C VAL B 154 -6.63 8.05 -22.78
N THR B 155 -7.77 8.09 -22.09
CA THR B 155 -8.19 9.16 -21.16
C THR B 155 -8.55 8.48 -19.81
N VAL B 156 -7.53 8.18 -18.99
CA VAL B 156 -7.64 7.54 -17.66
C VAL B 156 -7.67 8.72 -16.68
N SER B 157 -8.88 8.92 -16.20
CA SER B 157 -9.25 10.03 -15.37
C SER B 157 -9.65 9.55 -13.97
N TRP B 158 -9.17 10.18 -12.90
CA TRP B 158 -9.42 9.72 -11.53
C TRP B 158 -10.35 10.63 -10.74
N ASN B 159 -11.53 10.04 -10.40
CA ASN B 159 -12.74 10.50 -9.68
C ASN B 159 -13.58 11.51 -10.46
N SER B 160 -13.73 11.05 -11.72
CA SER B 160 -14.31 11.49 -12.97
C SER B 160 -13.26 12.30 -13.74
N GLY B 161 -12.10 12.51 -13.12
CA GLY B 161 -10.93 13.15 -13.73
C GLY B 161 -10.29 14.23 -12.85
N ALA B 162 -10.69 14.21 -11.60
CA ALA B 162 -10.31 15.19 -10.59
C ALA B 162 -9.98 14.44 -9.30
N LEU B 163 -8.75 14.82 -8.92
CA LEU B 163 -7.90 14.37 -7.82
C LEU B 163 -6.68 13.91 -8.64
N THR B 164 -5.89 14.93 -9.01
CA THR B 164 -4.60 14.69 -9.67
C THR B 164 -3.48 15.02 -8.64
N SER B 165 -3.85 14.86 -7.35
CA SER B 165 -2.97 14.88 -6.18
C SER B 165 -2.84 13.38 -5.89
N GLY B 166 -1.54 13.12 -5.66
CA GLY B 166 -0.91 11.82 -5.54
C GLY B 166 -1.53 10.94 -6.59
N VAL B 167 -1.12 11.22 -7.83
CA VAL B 167 -1.49 10.40 -8.97
C VAL B 167 -0.23 10.23 -9.77
N HIS B 168 -0.02 8.97 -10.07
CA HIS B 168 1.03 8.54 -10.98
C HIS B 168 0.37 7.59 -11.99
N THR B 169 0.09 8.18 -13.16
CA THR B 169 -0.40 7.51 -14.38
C THR B 169 0.87 6.80 -14.86
N PHE B 170 0.95 5.54 -14.46
CA PHE B 170 2.11 4.67 -14.70
C PHE B 170 2.17 4.18 -16.15
N PRO B 171 3.36 4.11 -16.75
CA PRO B 171 3.54 4.09 -18.20
C PRO B 171 3.22 2.73 -18.82
N ALA B 172 2.86 2.92 -20.09
CA ALA B 172 2.38 1.92 -21.01
C ALA B 172 3.37 0.91 -21.55
N VAL B 173 2.73 -0.03 -22.23
CA VAL B 173 3.33 -1.18 -22.84
C VAL B 173 2.81 -1.33 -24.25
N LEU B 174 3.62 -1.93 -25.11
CA LEU B 174 3.25 -2.32 -26.49
C LEU B 174 3.77 -3.75 -26.59
N GLN B 175 2.87 -4.67 -26.28
CA GLN B 175 3.08 -6.13 -26.23
C GLN B 175 3.67 -6.93 -27.42
N SER B 176 4.10 -8.18 -27.16
CA SER B 176 4.66 -9.11 -28.16
C SER B 176 3.69 -9.76 -29.15
N SER B 177 2.45 -9.43 -28.82
CA SER B 177 1.25 -9.72 -29.60
C SER B 177 0.90 -8.54 -30.52
N GLY B 178 1.25 -7.36 -29.96
CA GLY B 178 1.06 -6.04 -30.52
C GLY B 178 0.09 -5.23 -29.65
N LEU B 179 -0.24 -5.71 -28.44
CA LEU B 179 -1.31 -5.13 -27.65
C LEU B 179 -0.88 -4.11 -26.58
N TYR B 180 -1.73 -3.67 -25.62
CA TYR B 180 -1.38 -2.55 -24.73
C TYR B 180 -1.89 -2.76 -23.30
N SER B 181 -1.19 -2.17 -22.32
CA SER B 181 -1.51 -2.20 -20.88
C SER B 181 -0.68 -1.23 -20.03
N LEU B 182 -1.42 -0.33 -19.36
CA LEU B 182 -0.85 0.71 -18.48
C LEU B 182 -1.55 0.82 -17.14
N SER B 183 -1.02 1.62 -16.23
CA SER B 183 -1.59 1.79 -14.91
C SER B 183 -1.86 3.28 -14.55
N SER B 184 -2.47 3.52 -13.39
CA SER B 184 -2.83 4.84 -12.83
C SER B 184 -3.27 4.73 -11.36
N VAL B 185 -2.32 5.12 -10.52
CA VAL B 185 -2.37 5.04 -9.06
C VAL B 185 -2.72 6.35 -8.39
N VAL B 186 -3.31 6.17 -7.21
CA VAL B 186 -3.68 7.25 -6.29
C VAL B 186 -3.01 7.05 -4.93
N THR B 187 -1.97 7.87 -4.76
CA THR B 187 -1.01 7.97 -3.66
C THR B 187 -1.41 9.15 -2.73
N VAL B 188 -2.52 9.03 -2.00
CA VAL B 188 -3.00 10.04 -1.05
C VAL B 188 -3.03 9.53 0.42
N PRO B 189 -3.38 10.26 1.51
CA PRO B 189 -3.60 9.78 2.88
C PRO B 189 -4.41 8.51 3.15
N SER B 190 -3.86 7.78 4.12
CA SER B 190 -4.34 6.48 4.59
C SER B 190 -5.61 6.49 5.42
N SER B 191 -5.80 7.61 6.08
CA SER B 191 -6.94 7.89 6.94
C SER B 191 -8.09 8.30 6.03
N SER B 192 -7.79 9.02 4.93
CA SER B 192 -8.74 9.52 3.94
C SER B 192 -9.36 8.44 3.05
N LEU B 193 -9.04 7.20 3.36
CA LEU B 193 -9.53 6.00 2.76
C LEU B 193 -10.63 5.47 3.66
N GLY B 194 -11.75 5.13 3.03
CA GLY B 194 -12.98 4.72 3.70
C GLY B 194 -13.89 5.91 4.02
N THR B 195 -13.22 7.00 4.35
CA THR B 195 -13.74 8.33 4.71
C THR B 195 -14.20 9.01 3.40
N GLN B 196 -13.74 8.57 2.22
CA GLN B 196 -13.99 9.17 0.91
C GLN B 196 -14.11 8.14 -0.23
N THR B 197 -14.83 8.59 -1.27
CA THR B 197 -15.11 7.94 -2.55
C THR B 197 -14.10 8.44 -3.58
N TYR B 198 -13.43 7.44 -4.12
CA TYR B 198 -12.40 7.53 -5.13
C TYR B 198 -12.93 6.75 -6.35
N ILE B 199 -12.89 7.22 -7.59
CA ILE B 199 -13.39 6.42 -8.72
C ILE B 199 -12.34 6.40 -9.86
N CYS B 200 -11.98 5.26 -10.46
CA CYS B 200 -11.10 5.16 -11.64
C CYS B 200 -12.04 5.37 -12.81
N ASN B 201 -11.89 6.34 -13.73
CA ASN B 201 -12.88 6.56 -14.80
C ASN B 201 -12.25 6.81 -16.15
N VAL B 202 -12.21 5.74 -16.93
CA VAL B 202 -11.47 5.73 -18.19
C VAL B 202 -12.42 6.07 -19.35
N ASN B 203 -11.82 6.27 -20.52
CA ASN B 203 -12.46 6.51 -21.81
C ASN B 203 -11.46 6.31 -22.92
N HIS B 204 -11.94 5.64 -23.95
CA HIS B 204 -11.22 5.39 -25.18
C HIS B 204 -12.21 5.69 -26.29
N LYS B 205 -11.73 6.64 -27.08
CA LYS B 205 -12.39 7.14 -28.27
C LYS B 205 -11.82 6.42 -29.50
N PRO B 206 -10.60 5.81 -29.66
CA PRO B 206 -10.24 4.94 -30.81
C PRO B 206 -11.24 3.78 -31.07
N SER B 207 -11.84 3.21 -30.01
CA SER B 207 -12.92 2.22 -30.12
C SER B 207 -14.18 2.81 -29.44
N ASN B 208 -14.55 2.65 -28.14
CA ASN B 208 -15.72 3.29 -27.46
C ASN B 208 -15.95 2.90 -25.97
N THR B 209 -14.91 2.49 -25.24
CA THR B 209 -15.04 1.96 -23.88
C THR B 209 -14.54 2.87 -22.75
N LYS B 210 -15.50 3.10 -21.85
CA LYS B 210 -15.46 4.00 -20.68
C LYS B 210 -15.83 3.21 -19.43
N VAL B 211 -15.32 3.62 -18.25
CA VAL B 211 -15.47 2.84 -17.01
C VAL B 211 -15.40 3.62 -15.66
N ASP B 212 -15.67 3.02 -14.47
CA ASP B 212 -15.67 3.69 -13.14
C ASP B 212 -15.54 2.77 -11.89
N LYS B 213 -14.63 2.85 -10.87
CA LYS B 213 -14.55 2.00 -9.64
C LYS B 213 -13.71 2.47 -8.42
N ARG B 214 -14.07 1.91 -7.24
CA ARG B 214 -13.78 2.45 -5.90
C ARG B 214 -12.65 1.93 -4.96
N VAL B 215 -12.79 1.87 -3.60
CA VAL B 215 -11.73 1.67 -2.57
C VAL B 215 -12.29 1.25 -1.16
N ALA B 216 -11.42 0.91 -0.17
CA ALA B 216 -11.64 0.68 1.27
C ALA B 216 -10.40 0.17 2.06
N PRO B 217 -10.16 0.44 3.36
CA PRO B 217 -9.14 -0.18 4.23
C PRO B 217 -9.65 -1.09 5.37
N GLU B 218 -9.00 -1.13 6.55
CA GLU B 218 -9.21 -2.04 7.71
C GLU B 218 -8.32 -1.73 8.96
N LEU B 219 -8.79 -2.11 10.18
CA LEU B 219 -8.17 -2.22 11.54
C LEU B 219 -9.01 -2.21 12.84
N LEU B 220 -8.48 -3.04 13.77
CA LEU B 220 -8.89 -3.48 15.13
C LEU B 220 -10.16 -3.20 15.88
N GLY B 221 -10.75 -4.32 16.29
CA GLY B 221 -11.95 -4.38 17.10
C GLY B 221 -12.67 -5.75 17.11
N GLY B 222 -13.01 -6.29 18.31
CA GLY B 222 -13.79 -7.53 18.50
C GLY B 222 -14.05 -7.95 19.97
N PRO B 223 -15.20 -7.68 20.63
CA PRO B 223 -15.37 -7.51 22.10
C PRO B 223 -15.12 -8.60 23.15
N SER B 224 -15.25 -8.17 24.41
CA SER B 224 -15.09 -8.95 25.62
C SER B 224 -16.26 -8.73 26.58
N VAL B 225 -16.51 -9.76 27.39
CA VAL B 225 -17.63 -9.90 28.33
C VAL B 225 -17.13 -10.26 29.72
N PHE B 226 -17.99 -9.99 30.71
CA PHE B 226 -17.86 -10.40 32.13
C PHE B 226 -19.13 -10.22 32.96
N LEU B 227 -19.16 -11.11 33.92
CA LEU B 227 -20.23 -11.31 34.87
C LEU B 227 -19.77 -11.24 36.31
N PHE B 228 -20.65 -10.55 37.03
CA PHE B 228 -20.35 -10.05 38.37
C PHE B 228 -21.24 -10.32 39.57
N PRO B 229 -20.67 -10.40 40.79
CA PRO B 229 -21.35 -10.70 42.05
C PRO B 229 -22.39 -9.70 42.49
N PRO B 230 -23.53 -10.07 43.09
CA PRO B 230 -24.21 -9.21 44.05
C PRO B 230 -23.40 -9.02 45.32
N LYS B 231 -23.58 -7.89 45.99
CA LYS B 231 -22.88 -7.64 47.24
C LYS B 231 -23.41 -8.62 48.29
N PRO B 232 -22.60 -9.23 49.15
CA PRO B 232 -23.07 -10.17 50.16
C PRO B 232 -23.93 -9.60 51.29
N LYS B 233 -23.89 -8.27 51.45
CA LYS B 233 -24.71 -7.52 52.40
C LYS B 233 -26.04 -7.27 51.68
N ASP B 234 -26.07 -7.17 50.33
CA ASP B 234 -27.32 -7.04 49.58
C ASP B 234 -28.04 -8.42 49.69
N THR B 235 -27.34 -9.57 49.57
CA THR B 235 -27.93 -10.92 49.61
C THR B 235 -28.32 -11.37 51.01
N LEU B 236 -27.54 -11.04 52.05
CA LEU B 236 -27.87 -11.44 53.43
C LEU B 236 -28.95 -10.56 54.03
N MET B 237 -29.16 -9.36 53.51
CA MET B 237 -30.17 -8.43 53.95
C MET B 237 -31.44 -8.54 53.13
N ILE B 238 -32.44 -8.94 53.90
CA ILE B 238 -33.84 -9.20 53.52
C ILE B 238 -34.49 -7.92 52.98
N SER B 239 -33.92 -6.78 53.37
CA SER B 239 -34.35 -5.41 53.09
C SER B 239 -33.49 -4.67 52.06
N ARG B 240 -32.36 -5.19 51.60
CA ARG B 240 -31.50 -4.52 50.63
C ARG B 240 -31.44 -5.42 49.43
N THR B 241 -31.34 -4.79 48.29
CA THR B 241 -31.56 -5.45 47.03
C THR B 241 -30.36 -5.94 46.20
N PRO B 242 -30.12 -7.29 46.10
CA PRO B 242 -29.14 -8.00 45.26
C PRO B 242 -29.55 -8.15 43.80
N GLU B 243 -28.47 -8.47 43.07
CA GLU B 243 -28.39 -8.37 41.62
C GLU B 243 -27.13 -8.87 40.90
N VAL B 244 -27.34 -9.54 39.77
CA VAL B 244 -26.25 -10.06 38.97
C VAL B 244 -26.11 -9.19 37.73
N THR B 245 -24.86 -8.84 37.43
CA THR B 245 -24.52 -7.95 36.34
C THR B 245 -23.48 -8.41 35.34
N CYS B 246 -23.93 -8.12 34.13
CA CYS B 246 -23.23 -8.46 32.91
C CYS B 246 -22.72 -7.24 32.16
N VAL B 247 -21.42 -7.00 32.41
CA VAL B 247 -20.60 -6.01 31.69
C VAL B 247 -20.11 -6.65 30.41
N VAL B 248 -20.33 -5.88 29.36
CA VAL B 248 -19.79 -6.06 28.01
C VAL B 248 -19.22 -4.71 27.73
N VAL B 249 -17.97 -4.97 27.38
CA VAL B 249 -16.94 -4.02 27.05
C VAL B 249 -16.28 -4.35 25.68
N ASP B 250 -15.52 -3.37 25.16
CA ASP B 250 -14.80 -3.29 23.89
C ASP B 250 -15.65 -3.36 22.62
N VAL B 251 -16.96 -3.19 22.89
CA VAL B 251 -18.13 -3.19 21.99
C VAL B 251 -17.69 -2.84 20.56
N SER B 252 -17.45 -1.53 20.30
CA SER B 252 -16.89 -0.78 19.19
C SER B 252 -17.70 0.50 18.90
N HIS B 253 -17.65 1.12 17.71
CA HIS B 253 -18.35 2.34 17.30
C HIS B 253 -18.91 2.12 15.89
N GLU B 254 -18.57 0.98 15.30
CA GLU B 254 -18.98 0.50 13.98
C GLU B 254 -19.84 -0.77 14.09
N ASP B 255 -20.06 -1.21 15.34
CA ASP B 255 -20.91 -2.34 15.71
C ASP B 255 -21.34 -2.14 17.20
N PRO B 256 -22.27 -1.22 17.52
CA PRO B 256 -22.84 -0.94 18.85
C PRO B 256 -23.71 -2.04 19.48
N GLN B 257 -24.80 -2.32 18.75
CA GLN B 257 -25.90 -3.24 19.02
C GLN B 257 -25.76 -4.55 19.82
N VAL B 258 -25.64 -4.43 21.14
CA VAL B 258 -25.44 -5.56 22.06
C VAL B 258 -26.76 -5.96 22.71
N LYS B 259 -27.16 -7.17 22.33
CA LYS B 259 -28.34 -7.91 22.78
C LYS B 259 -27.84 -8.93 23.81
N PHE B 260 -28.71 -9.19 24.78
CA PHE B 260 -28.49 -10.07 25.92
C PHE B 260 -29.54 -11.18 25.92
N ASN B 261 -29.22 -12.28 26.61
CA ASN B 261 -30.14 -13.37 26.89
C ASN B 261 -29.83 -13.72 28.32
N TRP B 262 -30.90 -13.95 29.07
CA TRP B 262 -30.83 -14.15 30.50
C TRP B 262 -31.55 -15.37 31.04
N TYR B 263 -30.75 -16.35 31.42
CA TYR B 263 -31.28 -17.57 31.98
C TYR B 263 -31.07 -17.65 33.49
N VAL B 264 -32.10 -17.24 34.25
CA VAL B 264 -32.31 -17.67 35.66
C VAL B 264 -33.18 -18.90 35.34
N ASP B 265 -32.33 -19.85 35.86
CA ASP B 265 -31.99 -21.30 35.79
C ASP B 265 -31.66 -22.12 34.58
N GLY B 266 -32.54 -22.40 33.64
CA GLY B 266 -32.37 -23.01 32.31
C GLY B 266 -33.54 -22.45 31.46
N VAL B 267 -34.54 -22.03 32.27
CA VAL B 267 -35.82 -21.40 31.98
C VAL B 267 -35.46 -19.94 31.90
N GLN B 268 -35.88 -19.29 30.84
CA GLN B 268 -35.61 -17.89 30.62
C GLN B 268 -36.56 -17.06 31.51
N VAL B 269 -35.91 -16.19 32.31
CA VAL B 269 -36.49 -15.17 33.20
C VAL B 269 -37.07 -14.14 32.22
N HIS B 270 -36.30 -13.94 31.14
CA HIS B 270 -36.33 -13.11 29.96
C HIS B 270 -35.98 -11.66 30.30
N ASN B 271 -36.75 -11.20 31.27
CA ASN B 271 -36.89 -9.83 31.65
C ASN B 271 -36.30 -9.62 33.06
N ALA B 272 -37.15 -9.62 34.10
CA ALA B 272 -36.99 -9.19 35.51
C ALA B 272 -36.83 -7.70 35.32
N LYS B 273 -35.76 -6.97 35.67
CA LYS B 273 -35.62 -5.56 35.35
C LYS B 273 -34.18 -5.38 34.81
N THR B 274 -33.80 -6.31 33.93
CA THR B 274 -32.55 -6.32 33.17
C THR B 274 -32.56 -5.04 32.35
N LYS B 275 -31.59 -4.22 32.71
CA LYS B 275 -31.42 -2.92 32.10
C LYS B 275 -30.04 -2.65 31.54
N PRO B 276 -29.80 -2.61 30.23
CA PRO B 276 -28.52 -2.23 29.63
C PRO B 276 -28.32 -0.71 29.59
N ARG B 277 -27.11 -0.30 29.19
CA ARG B 277 -26.77 1.07 28.81
C ARG B 277 -25.39 1.19 28.21
N GLU B 278 -25.46 1.80 27.04
CA GLU B 278 -24.41 2.02 26.06
C GLU B 278 -23.88 3.44 26.26
N GLN B 279 -22.74 3.67 26.92
CA GLN B 279 -22.19 5.01 27.06
C GLN B 279 -20.75 5.10 26.59
N GLN B 280 -20.54 6.23 25.90
CA GLN B 280 -19.33 6.63 25.19
C GLN B 280 -18.09 6.59 26.05
N TYR B 281 -17.45 5.45 25.92
CA TYR B 281 -16.20 5.23 26.61
C TYR B 281 -15.14 5.44 25.53
N ASN B 282 -13.90 5.50 25.97
CA ASN B 282 -12.67 5.89 25.25
C ASN B 282 -12.45 6.08 23.74
N SER B 283 -13.12 5.24 22.99
CA SER B 283 -13.39 5.11 21.56
C SER B 283 -14.29 3.85 21.30
N THR B 284 -14.87 3.22 22.36
CA THR B 284 -15.90 2.18 22.27
C THR B 284 -17.05 2.59 23.24
N TYR B 285 -17.67 1.69 24.01
CA TYR B 285 -18.74 1.91 24.96
C TYR B 285 -18.46 0.96 26.13
N ARG B 286 -19.35 1.11 27.11
CA ARG B 286 -19.42 0.25 28.27
C ARG B 286 -20.91 0.01 28.37
N VAL B 287 -21.30 -1.27 28.35
CA VAL B 287 -22.69 -1.68 28.50
C VAL B 287 -22.80 -2.56 29.73
N VAL B 288 -23.66 -2.04 30.60
CA VAL B 288 -23.98 -2.52 31.95
C VAL B 288 -25.39 -3.18 31.95
N SER B 289 -25.60 -4.50 31.72
CA SER B 289 -26.90 -5.19 31.72
C SER B 289 -27.05 -5.82 33.07
N VAL B 290 -28.26 -5.50 33.53
CA VAL B 290 -28.66 -5.56 34.94
C VAL B 290 -29.81 -6.34 35.58
N LEU B 291 -29.64 -7.59 36.01
CA LEU B 291 -30.70 -8.39 36.61
C LEU B 291 -30.94 -7.99 38.08
N THR B 292 -32.18 -8.15 38.54
CA THR B 292 -32.78 -7.90 39.86
C THR B 292 -32.85 -9.30 40.51
N VAL B 293 -32.39 -9.52 41.74
CA VAL B 293 -32.40 -10.82 42.40
C VAL B 293 -33.06 -10.67 43.77
N LEU B 294 -33.94 -11.62 44.01
CA LEU B 294 -34.58 -11.88 45.29
C LEU B 294 -33.67 -12.98 45.87
N HIS B 295 -33.00 -12.51 46.93
CA HIS B 295 -31.98 -13.12 47.80
C HIS B 295 -31.82 -14.62 47.82
N GLN B 296 -32.99 -15.17 48.12
CA GLN B 296 -33.24 -16.57 48.28
C GLN B 296 -32.81 -17.40 47.09
N ASN B 297 -33.09 -16.94 45.87
CA ASN B 297 -32.83 -17.75 44.68
C ASN B 297 -31.32 -18.04 44.60
N TRP B 298 -30.42 -17.08 44.87
CA TRP B 298 -28.93 -17.22 44.97
C TRP B 298 -28.67 -18.35 45.97
N LEU B 299 -29.20 -18.18 47.18
CA LEU B 299 -29.03 -19.05 48.36
C LEU B 299 -29.63 -20.45 48.23
N ASP B 300 -30.54 -20.68 47.28
CA ASP B 300 -31.17 -21.94 46.98
C ASP B 300 -30.57 -22.56 45.70
N GLY B 301 -29.24 -22.46 45.67
CA GLY B 301 -28.30 -23.04 44.71
C GLY B 301 -28.59 -22.84 43.24
N LYS B 302 -28.85 -21.61 42.83
CA LYS B 302 -29.20 -21.29 41.47
C LYS B 302 -28.00 -20.91 40.60
N GLU B 303 -28.23 -21.39 39.38
CA GLU B 303 -27.35 -21.25 38.24
C GLU B 303 -27.85 -20.06 37.45
N TYR B 304 -26.94 -19.24 36.96
CA TYR B 304 -27.28 -18.04 36.23
C TYR B 304 -26.44 -17.96 34.95
N LYS B 305 -26.94 -17.21 33.97
CA LYS B 305 -26.23 -16.97 32.70
C LYS B 305 -26.67 -15.69 31.99
N CYS B 306 -25.70 -15.18 31.23
CA CYS B 306 -25.79 -13.98 30.41
C CYS B 306 -25.06 -14.32 29.10
N LYS B 307 -25.90 -14.58 28.08
CA LYS B 307 -25.54 -14.88 26.69
C LYS B 307 -25.72 -13.62 25.87
N VAL B 308 -24.59 -12.95 25.87
CA VAL B 308 -24.30 -11.71 25.15
C VAL B 308 -24.03 -12.03 23.69
N SER B 309 -24.81 -11.35 22.87
CA SER B 309 -24.82 -11.46 21.43
C SER B 309 -24.73 -10.07 20.80
N ASN B 310 -23.57 -9.78 20.20
CA ASN B 310 -23.35 -8.56 19.41
C ASN B 310 -23.02 -9.06 18.01
N LYS B 311 -23.19 -8.26 16.95
CA LYS B 311 -22.91 -8.64 15.56
C LYS B 311 -21.41 -8.81 15.28
N ALA B 312 -20.58 -8.06 16.03
CA ALA B 312 -19.12 -8.06 16.01
C ALA B 312 -18.56 -9.36 16.57
N LEU B 313 -19.47 -10.19 17.05
CA LEU B 313 -19.22 -11.46 17.62
C LEU B 313 -20.02 -12.43 16.78
N PRO B 314 -19.40 -13.27 15.93
CA PRO B 314 -20.05 -14.25 15.07
C PRO B 314 -20.90 -15.20 15.89
N ALA B 315 -20.32 -15.52 17.02
CA ALA B 315 -20.79 -16.49 17.96
C ALA B 315 -20.87 -15.87 19.37
N PRO B 316 -22.08 -15.71 19.96
CA PRO B 316 -22.42 -15.17 21.29
C PRO B 316 -21.73 -15.61 22.57
N ILE B 317 -21.01 -14.68 23.22
CA ILE B 317 -20.29 -15.00 24.46
C ILE B 317 -21.24 -15.08 25.64
N GLU B 318 -21.40 -16.35 25.96
CA GLU B 318 -22.10 -16.85 27.12
C GLU B 318 -21.13 -16.71 28.27
N LYS B 319 -21.72 -16.53 29.45
CA LYS B 319 -21.06 -16.61 30.74
C LYS B 319 -22.02 -16.87 31.84
N THR B 320 -21.66 -17.98 32.47
CA THR B 320 -22.38 -18.46 33.63
C THR B 320 -21.93 -17.82 34.92
N ILE B 321 -22.79 -17.19 35.72
CA ILE B 321 -22.43 -16.84 37.10
C ILE B 321 -22.78 -18.15 37.82
N SER B 322 -21.59 -18.69 37.99
CA SER B 322 -21.27 -19.91 38.66
C SER B 322 -20.34 -19.60 39.80
N LYS B 323 -20.84 -20.11 40.92
CA LYS B 323 -20.08 -20.22 42.14
C LYS B 323 -19.20 -21.45 41.98
N ALA B 324 -18.54 -21.96 43.02
CA ALA B 324 -17.63 -23.08 42.91
C ALA B 324 -18.16 -24.18 43.84
N LYS B 325 -17.43 -25.29 43.90
CA LYS B 325 -17.74 -26.39 44.82
C LYS B 325 -17.31 -26.04 46.26
N GLY B 326 -16.66 -26.87 47.08
CA GLY B 326 -16.36 -26.45 48.43
C GLY B 326 -15.47 -27.35 49.28
N GLN B 327 -14.79 -26.51 50.04
CA GLN B 327 -14.13 -26.85 51.29
C GLN B 327 -14.78 -25.79 52.24
N PRO B 328 -14.71 -25.71 53.57
CA PRO B 328 -15.45 -24.70 54.38
C PRO B 328 -15.27 -23.19 54.07
N ARG B 329 -13.98 -23.09 54.37
CA ARG B 329 -13.14 -21.99 54.70
C ARG B 329 -13.05 -20.47 54.51
N GLU B 330 -12.98 -20.30 55.83
CA GLU B 330 -12.93 -19.07 56.56
C GLU B 330 -11.45 -18.70 56.74
N PRO B 331 -10.99 -17.54 56.20
CA PRO B 331 -9.61 -17.15 56.11
C PRO B 331 -8.93 -17.05 57.45
N GLN B 332 -7.73 -17.58 57.28
CA GLN B 332 -6.71 -17.67 58.30
C GLN B 332 -6.00 -16.33 58.21
N VAL B 333 -6.69 -15.43 58.88
CA VAL B 333 -6.45 -13.99 58.94
C VAL B 333 -5.39 -13.68 60.00
N TYR B 334 -4.09 -13.66 59.64
CA TYR B 334 -3.03 -13.26 60.57
C TYR B 334 -2.07 -12.25 59.91
N THR B 335 -2.26 -10.97 60.27
CA THR B 335 -1.43 -9.86 59.82
C THR B 335 -0.01 -9.96 60.38
N LEU B 336 1.01 -9.48 59.68
CA LEU B 336 2.36 -9.60 60.21
C LEU B 336 3.19 -8.32 60.13
N PRO B 337 3.97 -7.97 61.17
CA PRO B 337 5.00 -6.90 61.19
C PRO B 337 6.34 -7.13 60.46
N PRO B 338 7.32 -6.23 60.38
CA PRO B 338 8.57 -6.42 59.65
C PRO B 338 9.65 -7.30 60.20
N SER B 339 10.61 -7.39 59.28
CA SER B 339 11.93 -7.89 59.58
C SER B 339 12.57 -6.59 60.04
N ARG B 340 13.10 -6.69 61.25
CA ARG B 340 13.79 -5.65 62.02
C ARG B 340 14.76 -4.72 61.29
N GLU B 341 15.25 -5.22 60.16
CA GLU B 341 16.16 -4.62 59.20
C GLU B 341 15.45 -3.58 58.32
N GLU B 342 14.25 -3.15 58.74
CA GLU B 342 13.45 -2.15 58.05
C GLU B 342 13.25 -0.93 58.97
N MET B 343 13.88 -1.00 60.15
CA MET B 343 13.97 0.12 61.07
C MET B 343 15.34 0.80 60.87
N THR B 344 15.99 0.38 59.76
CA THR B 344 17.22 0.87 59.14
C THR B 344 16.73 1.44 57.78
N LYS B 345 15.43 1.74 57.68
CA LYS B 345 14.77 2.23 56.50
C LYS B 345 13.74 3.26 56.92
N ASN B 346 13.65 4.29 56.10
CA ASN B 346 12.73 5.42 56.27
C ASN B 346 11.30 4.94 56.07
N GLN B 347 11.11 3.87 55.30
CA GLN B 347 9.84 3.27 54.93
C GLN B 347 9.63 1.78 55.23
N VAL B 348 8.67 1.45 56.09
CA VAL B 348 8.31 0.07 56.44
C VAL B 348 7.08 -0.42 55.70
N SER B 349 6.87 -1.74 55.75
CA SER B 349 5.69 -2.33 55.18
C SER B 349 5.21 -3.48 56.03
N LEU B 350 3.91 -3.65 55.86
CA LEU B 350 3.03 -4.51 56.65
C LEU B 350 2.22 -5.48 55.86
N THR B 351 2.17 -6.63 56.47
CA THR B 351 1.55 -7.79 55.90
C THR B 351 0.16 -8.15 56.43
N CYS B 352 -0.54 -9.05 55.72
CA CYS B 352 -1.87 -9.56 56.10
C CYS B 352 -2.25 -10.78 55.30
N LEU B 353 -1.98 -11.87 56.01
CA LEU B 353 -2.31 -13.17 55.53
C LEU B 353 -3.75 -13.42 55.81
N VAL B 354 -4.19 -13.91 54.70
CA VAL B 354 -5.51 -14.48 54.60
C VAL B 354 -5.21 -15.73 53.78
N LYS B 355 -4.95 -16.83 54.49
CA LYS B 355 -4.85 -18.14 53.84
C LYS B 355 -6.09 -18.97 54.17
N GLY B 356 -6.02 -20.26 53.86
CA GLY B 356 -7.05 -21.25 54.14
C GLY B 356 -8.45 -20.75 53.81
N PHE B 357 -8.79 -20.62 52.53
CA PHE B 357 -10.16 -20.27 52.19
C PHE B 357 -10.65 -20.84 50.89
N TYR B 358 -11.92 -21.17 50.99
CA TYR B 358 -12.70 -21.52 49.80
C TYR B 358 -13.91 -20.58 49.87
N PRO B 359 -14.75 -20.43 48.85
CA PRO B 359 -14.51 -19.56 47.69
C PRO B 359 -13.41 -18.51 47.54
N SER B 360 -13.17 -18.13 46.27
CA SER B 360 -12.31 -17.01 45.87
C SER B 360 -13.17 -15.73 45.68
N ASP B 361 -13.94 -15.45 46.74
CA ASP B 361 -14.92 -14.38 46.86
C ASP B 361 -14.45 -13.38 47.93
N ILE B 362 -13.22 -12.98 47.71
CA ILE B 362 -12.39 -12.18 48.59
C ILE B 362 -12.64 -10.68 48.51
N ALA B 363 -12.53 -10.00 49.65
CA ALA B 363 -12.54 -8.53 49.74
C ALA B 363 -11.76 -7.92 50.94
N VAL B 364 -10.42 -8.08 50.93
CA VAL B 364 -9.51 -7.53 51.96
C VAL B 364 -9.39 -6.02 51.74
N GLU B 365 -8.85 -5.36 52.77
CA GLU B 365 -8.68 -3.91 52.91
C GLU B 365 -7.62 -3.69 54.01
N TRP B 366 -7.39 -2.41 54.31
CA TRP B 366 -6.50 -1.89 55.33
C TRP B 366 -7.10 -0.55 55.82
N GLU B 367 -6.45 0.06 56.83
CA GLU B 367 -6.79 1.35 57.46
C GLU B 367 -5.56 1.91 58.22
N SER B 368 -5.71 3.14 58.70
CA SER B 368 -4.75 3.89 59.53
C SER B 368 -5.31 3.97 60.96
N ASN B 369 -6.64 4.14 61.04
CA ASN B 369 -7.48 4.20 62.25
C ASN B 369 -8.95 4.18 61.77
N GLY B 370 -9.79 5.25 61.83
CA GLY B 370 -11.18 5.24 61.38
C GLY B 370 -11.23 5.40 59.85
N GLN B 371 -10.32 6.23 59.32
CA GLN B 371 -10.19 6.51 57.89
C GLN B 371 -9.30 5.45 57.21
N PRO B 372 -9.50 5.08 55.93
CA PRO B 372 -8.62 4.27 55.07
C PRO B 372 -7.18 4.71 54.82
N GLU B 373 -6.49 3.82 54.10
CA GLU B 373 -5.10 4.00 53.74
C GLU B 373 -4.91 3.72 52.28
N ASN B 374 -3.95 4.41 51.67
CA ASN B 374 -3.82 4.40 50.22
C ASN B 374 -2.89 3.40 49.58
N ASN B 375 -1.87 3.01 50.33
CA ASN B 375 -0.87 2.19 49.72
C ASN B 375 -0.86 0.74 50.08
N TYR B 376 -1.59 -0.01 49.26
CA TYR B 376 -1.70 -1.46 49.42
C TYR B 376 -1.88 -2.32 48.17
N LYS B 377 -1.24 -3.50 48.24
CA LYS B 377 -1.36 -4.53 47.22
C LYS B 377 -1.60 -5.89 47.86
N THR B 378 -2.67 -6.42 47.29
CA THR B 378 -3.41 -7.61 47.68
C THR B 378 -3.41 -8.66 46.54
N THR B 379 -2.84 -9.86 46.82
CA THR B 379 -2.66 -11.01 45.95
C THR B 379 -3.93 -11.71 45.51
N PRO B 380 -4.38 -11.93 44.29
CA PRO B 380 -5.70 -12.53 44.10
C PRO B 380 -5.70 -14.07 44.03
N PRO B 381 -6.07 -14.70 45.15
CA PRO B 381 -5.48 -15.92 45.74
C PRO B 381 -5.03 -17.19 44.97
N VAL B 382 -4.05 -17.98 45.51
CA VAL B 382 -3.51 -19.26 44.98
C VAL B 382 -4.14 -20.42 45.74
N LEU B 383 -4.57 -21.34 44.89
CA LEU B 383 -5.15 -22.64 45.26
C LEU B 383 -4.04 -23.45 45.91
N ASP B 384 -4.23 -23.58 47.22
CA ASP B 384 -3.34 -24.18 48.20
C ASP B 384 -3.33 -25.71 48.10
N SER B 385 -2.34 -26.16 48.87
CA SER B 385 -1.90 -27.52 49.08
C SER B 385 -2.99 -28.43 49.62
N ASP B 386 -3.53 -28.15 50.82
CA ASP B 386 -4.59 -28.87 51.49
C ASP B 386 -6.00 -28.59 50.93
N GLY B 387 -6.01 -27.97 49.74
CA GLY B 387 -7.18 -27.71 48.92
C GLY B 387 -7.94 -26.49 49.40
N SER B 388 -7.23 -25.39 49.56
CA SER B 388 -7.79 -24.14 50.09
C SER B 388 -7.39 -23.00 49.13
N PHE B 389 -7.26 -21.74 49.58
CA PHE B 389 -6.82 -20.59 48.80
C PHE B 389 -6.04 -19.68 49.78
N PHE B 390 -5.20 -18.79 49.23
CA PHE B 390 -4.38 -17.84 50.00
C PHE B 390 -3.74 -16.67 49.24
N LEU B 391 -3.68 -15.62 50.07
CA LEU B 391 -3.21 -14.32 49.66
C LEU B 391 -2.49 -13.53 50.74
N TYR B 392 -1.88 -12.47 50.24
CA TYR B 392 -1.07 -11.52 51.00
C TYR B 392 -1.37 -10.08 50.67
N SER B 393 -1.42 -9.32 51.73
CA SER B 393 -1.79 -7.92 51.64
C SER B 393 -0.69 -7.05 52.22
N LYS B 394 -0.51 -5.92 51.54
CA LYS B 394 0.52 -4.95 51.84
C LYS B 394 -0.05 -3.67 52.41
N LEU B 395 0.79 -2.96 53.15
CA LEU B 395 0.62 -1.53 53.46
C LEU B 395 2.00 -0.93 53.68
N THR B 396 2.34 -0.12 52.68
CA THR B 396 3.60 0.57 52.44
C THR B 396 3.53 1.95 53.13
N VAL B 397 4.09 1.98 54.34
CA VAL B 397 4.13 3.17 55.18
C VAL B 397 5.55 3.61 55.58
N ASP B 398 5.73 4.45 56.61
CA ASP B 398 7.01 4.99 57.04
C ASP B 398 7.32 4.49 58.46
N LYS B 399 8.58 4.18 58.76
CA LYS B 399 9.12 3.74 60.07
C LYS B 399 8.90 4.76 61.17
N SER B 400 9.00 6.00 60.72
CA SER B 400 8.87 7.22 61.48
C SER B 400 7.43 7.30 61.96
N ARG B 401 6.50 7.00 61.05
CA ARG B 401 5.07 7.02 61.30
C ARG B 401 4.64 5.78 62.11
N TRP B 402 5.41 4.69 62.03
CA TRP B 402 5.17 3.39 62.67
C TRP B 402 5.50 3.47 64.16
N GLN B 403 6.63 4.10 64.51
CA GLN B 403 7.14 4.24 65.88
C GLN B 403 6.50 5.42 66.62
N GLN B 404 5.58 6.08 65.93
CA GLN B 404 4.71 7.11 66.47
C GLN B 404 3.53 6.41 67.11
N GLY B 405 3.37 5.12 66.79
CA GLY B 405 2.37 4.24 67.35
C GLY B 405 1.06 4.28 66.60
N ASN B 406 1.11 3.90 65.32
CA ASN B 406 -0.04 3.92 64.43
C ASN B 406 -0.66 2.53 64.37
N VAL B 407 -1.99 2.60 64.42
CA VAL B 407 -2.93 1.49 64.54
C VAL B 407 -3.55 1.04 63.20
N PHE B 408 -2.78 0.21 62.51
CA PHE B 408 -3.14 -0.24 61.19
C PHE B 408 -4.04 -1.46 61.27
N SER B 409 -5.21 -1.36 60.65
CA SER B 409 -6.19 -2.41 60.75
C SER B 409 -6.60 -3.04 59.43
N CYS B 410 -6.08 -4.25 59.18
CA CYS B 410 -6.37 -5.03 57.98
C CYS B 410 -7.72 -5.68 58.07
N SER B 411 -8.60 -4.84 57.57
CA SER B 411 -10.00 -5.10 57.46
C SER B 411 -10.12 -6.14 56.34
N VAL B 412 -10.80 -7.22 56.64
CA VAL B 412 -11.07 -8.30 55.68
C VAL B 412 -12.60 -8.38 55.62
N MET B 413 -13.08 -8.71 54.42
CA MET B 413 -14.50 -8.89 54.12
C MET B 413 -14.55 -10.17 53.28
N HIS B 414 -14.12 -11.24 53.93
CA HIS B 414 -14.27 -12.57 53.37
C HIS B 414 -14.90 -13.44 54.46
N GLU B 415 -15.72 -14.15 53.69
CA GLU B 415 -16.86 -15.04 53.82
C GLU B 415 -17.36 -16.04 54.83
N ALA B 416 -16.83 -17.21 55.18
CA ALA B 416 -17.49 -18.08 56.15
C ALA B 416 -17.34 -17.61 57.62
N LEU B 417 -16.92 -16.35 57.72
CA LEU B 417 -16.70 -15.57 58.90
C LEU B 417 -17.89 -14.66 59.15
N HIS B 418 -17.84 -14.46 60.46
CA HIS B 418 -18.84 -13.88 61.31
C HIS B 418 -19.69 -12.73 60.81
N ASN B 419 -19.15 -11.57 60.51
CA ASN B 419 -19.91 -10.39 60.12
C ASN B 419 -19.83 -10.11 58.62
N HIS B 420 -19.55 -11.18 57.87
CA HIS B 420 -19.19 -11.28 56.43
C HIS B 420 -18.09 -10.25 56.15
N TYR B 421 -17.32 -10.28 57.24
CA TYR B 421 -16.21 -9.38 57.62
C TYR B 421 -15.66 -9.98 58.91
N THR B 422 -14.35 -9.87 58.96
CA THR B 422 -13.54 -10.04 60.15
C THR B 422 -12.35 -9.09 59.92
N GLN B 423 -11.80 -8.47 60.96
CA GLN B 423 -10.66 -7.60 60.78
C GLN B 423 -9.55 -8.08 61.68
N LYS B 424 -8.39 -8.41 61.14
CA LYS B 424 -7.26 -8.61 62.01
C LYS B 424 -6.61 -7.23 62.07
N SER B 425 -5.88 -7.05 63.15
CA SER B 425 -5.31 -5.77 63.53
C SER B 425 -3.85 -5.90 63.95
N LEU B 426 -3.09 -4.88 63.54
CA LEU B 426 -1.63 -4.81 63.65
C LEU B 426 -1.07 -3.43 64.00
N SER B 427 0.01 -3.55 64.79
CA SER B 427 0.89 -2.47 65.23
C SER B 427 2.13 -3.02 65.92
N LEU B 428 3.02 -2.11 66.31
CA LEU B 428 4.26 -2.34 67.07
C LEU B 428 3.98 -2.02 68.54
#